data_8AT0
#
_entry.id   8AT0
#
_cell.length_a   70.700
_cell.length_b   70.700
_cell.length_c   272.640
_cell.angle_alpha   90.000
_cell.angle_beta   90.000
_cell.angle_gamma   120.000
#
_symmetry.space_group_name_H-M   'P 32 2 1'
#
loop_
_entity.id
_entity.type
_entity.pdbx_description
1 polymer 'Putrescine-binding periplasmic protein PotF'
2 non-polymer (2~{S})-1-(2-methoxyethoxy)propan-2-amine
3 non-polymer 'SULFATE ION'
4 non-polymer (2R)-1-methoxypropan-2-amine
5 non-polymer 'MALONATE ION'
6 non-polymer 1,2-ETHANEDIOL
7 water water
#
_entity_poly.entity_id   1
_entity_poly.type   'polypeptide(L)'
_entity_poly.pdbx_seq_one_letter_code
;QKTLHIYNWSDYIAPDTVANFEKETGIKVVYDVFDSNEVLEGKLMAGSTGFDLVVPSASFLERQLTAGVFQPLDKSKLPE
WKNLDPELLKLVAKHDPDNKFAMPYMWATTGIGYNVDKVKAVLGENAPVDSWDLILKPENLEKLKSCGVSFLDAPEEVFA
TVLNYLGKDPNSTKADDYTGPATDLLLKLRPNIRYFHSSQYINDLANGDICVAIGWAGKVWQASNRAKEAKNGVNVSFSI
PKEGAMAFFDVFAMPADAKNKDEAYQFLNYLLRPDVVAHISDHVFYANANKAATPLVSAEVRENPGIYPPADVRAKLFTL
KVQDPKIDRVRTRAWTKVKSGKLEHHHHHH
;
_entity_poly.pdbx_strand_id   A,B
#
# COMPACT_ATOMS: atom_id res chain seq x y z
N GLN A 1 -29.45 3.02 13.74
CA GLN A 1 -28.43 3.96 13.26
C GLN A 1 -27.82 3.51 11.95
N LYS A 2 -28.11 4.25 10.87
CA LYS A 2 -27.63 3.90 9.55
C LYS A 2 -26.18 4.32 9.38
N THR A 3 -25.38 3.44 8.75
CA THR A 3 -23.98 3.70 8.49
C THR A 3 -23.69 3.51 7.01
N LEU A 4 -22.48 3.89 6.60
CA LEU A 4 -22.08 3.82 5.19
C LEU A 4 -20.57 3.89 5.11
N HIS A 5 -19.96 2.89 4.48
CA HIS A 5 -18.50 2.79 4.36
C HIS A 5 -18.07 3.18 2.96
N ILE A 6 -17.22 4.19 2.85
CA ILE A 6 -16.79 4.74 1.57
C ILE A 6 -15.27 4.68 1.50
N TYR A 7 -14.75 4.20 0.37
CA TYR A 7 -13.31 4.10 0.11
C TYR A 7 -13.03 4.89 -1.15
N ASN A 8 -12.41 6.07 -1.01
CA ASN A 8 -12.23 6.99 -2.12
C ASN A 8 -10.77 7.40 -2.21
N TRP A 9 -10.39 7.98 -3.35
CA TRP A 9 -9.06 8.55 -3.47
C TRP A 9 -8.83 9.62 -2.41
N SER A 10 -7.58 9.79 -2.00
CA SER A 10 -7.26 10.86 -1.07
C SER A 10 -7.38 12.22 -1.75
N ASP A 11 -7.70 13.24 -0.97
CA ASP A 11 -7.84 14.61 -1.46
C ASP A 11 -8.80 14.67 -2.64
N TYR A 12 -9.97 14.06 -2.47
CA TYR A 12 -10.93 13.88 -3.55
C TYR A 12 -12.34 14.26 -3.11
N ILE A 13 -12.46 15.19 -2.16
CA ILE A 13 -13.76 15.56 -1.61
C ILE A 13 -13.60 16.89 -0.88
N ALA A 14 -14.68 17.65 -0.80
CA ALA A 14 -14.64 18.90 -0.07
C ALA A 14 -14.61 18.62 1.44
N PRO A 15 -14.02 19.54 2.22
CA PRO A 15 -13.90 19.28 3.67
C PRO A 15 -15.23 19.09 4.37
N ASP A 16 -16.33 19.59 3.82
CA ASP A 16 -17.63 19.55 4.47
C ASP A 16 -18.64 18.67 3.74
N THR A 17 -18.23 17.97 2.68
CA THR A 17 -19.17 17.16 1.92
C THR A 17 -19.86 16.13 2.80
N VAL A 18 -19.07 15.34 3.53
CA VAL A 18 -19.63 14.24 4.32
C VAL A 18 -20.45 14.78 5.48
N ALA A 19 -19.96 15.83 6.14
CA ALA A 19 -20.70 16.41 7.26
C ALA A 19 -22.07 16.88 6.82
N ASN A 20 -22.16 17.51 5.64
CA ASN A 20 -23.45 17.97 5.15
C ASN A 20 -24.35 16.79 4.79
N PHE A 21 -23.79 15.76 4.16
CA PHE A 21 -24.58 14.56 3.87
C PHE A 21 -25.05 13.89 5.16
N GLU A 22 -24.18 13.80 6.15
CA GLU A 22 -24.57 13.20 7.43
C GLU A 22 -25.74 13.95 8.06
N LYS A 23 -25.60 15.27 8.20
CA LYS A 23 -26.64 16.04 8.88
C LYS A 23 -27.96 16.00 8.11
N GLU A 24 -27.91 15.95 6.78
CA GLU A 24 -29.15 15.93 6.00
C GLU A 24 -29.85 14.58 6.10
N THR A 25 -29.09 13.48 6.10
CA THR A 25 -29.67 12.14 6.04
C THR A 25 -29.70 11.44 7.39
N GLY A 26 -28.92 11.88 8.36
CA GLY A 26 -28.78 11.14 9.60
C GLY A 26 -27.95 9.88 9.49
N ILE A 27 -27.20 9.71 8.41
CA ILE A 27 -26.37 8.53 8.20
C ILE A 27 -24.97 8.84 8.69
N LYS A 28 -24.38 7.90 9.43
CA LYS A 28 -22.99 8.01 9.87
C LYS A 28 -22.09 7.39 8.81
N VAL A 29 -21.22 8.20 8.22
CA VAL A 29 -20.36 7.76 7.13
C VAL A 29 -18.99 7.43 7.69
N VAL A 30 -18.50 6.23 7.36
CA VAL A 30 -17.13 5.84 7.63
C VAL A 30 -16.34 6.02 6.35
N TYR A 31 -15.28 6.81 6.41
CA TYR A 31 -14.58 7.29 5.22
C TYR A 31 -13.10 6.96 5.32
N ASP A 32 -12.57 6.30 4.29
CA ASP A 32 -11.15 5.96 4.22
C ASP A 32 -10.64 6.23 2.81
N VAL A 33 -9.32 6.40 2.67
CA VAL A 33 -8.74 6.88 1.42
C VAL A 33 -7.59 6.01 0.94
N PHE A 34 -7.37 6.05 -0.37
CA PHE A 34 -6.26 5.35 -1.02
C PHE A 34 -5.71 6.27 -2.11
N ASP A 35 -4.56 5.90 -2.67
CA ASP A 35 -4.01 6.70 -3.77
C ASP A 35 -3.49 5.83 -4.90
N SER A 36 -3.92 4.56 -4.98
CA SER A 36 -3.37 3.61 -5.93
C SER A 36 -4.49 2.73 -6.45
N ASN A 37 -4.69 2.72 -7.77
CA ASN A 37 -5.60 1.76 -8.38
C ASN A 37 -5.22 0.34 -8.03
N GLU A 38 -3.91 0.07 -7.92
CA GLU A 38 -3.44 -1.28 -7.61
C GLU A 38 -3.85 -1.71 -6.20
N VAL A 39 -3.76 -0.79 -5.23
CA VAL A 39 -4.18 -1.13 -3.86
C VAL A 39 -5.66 -1.48 -3.83
N LEU A 40 -6.49 -0.67 -4.51
CA LEU A 40 -7.93 -0.96 -4.51
C LEU A 40 -8.24 -2.25 -5.23
N GLU A 41 -7.62 -2.46 -6.40
CA GLU A 41 -7.88 -3.69 -7.14
C GLU A 41 -7.45 -4.91 -6.34
N GLY A 42 -6.33 -4.81 -5.62
CA GLY A 42 -5.90 -5.91 -4.78
C GLY A 42 -6.94 -6.28 -3.73
N LYS A 43 -7.49 -5.26 -3.06
CA LYS A 43 -8.52 -5.50 -2.06
C LYS A 43 -9.75 -6.16 -2.68
N LEU A 44 -10.19 -5.67 -3.85
CA LEU A 44 -11.38 -6.22 -4.48
C LEU A 44 -11.19 -7.68 -4.84
N MET A 45 -9.98 -8.04 -5.29
CA MET A 45 -9.73 -9.40 -5.74
C MET A 45 -9.46 -10.38 -4.61
N ALA A 46 -9.00 -9.92 -3.46
CA ALA A 46 -8.61 -10.83 -2.38
C ALA A 46 -9.77 -11.26 -1.49
N GLY A 47 -10.86 -10.50 -1.48
CA GLY A 47 -11.99 -10.85 -0.63
C GLY A 47 -12.88 -9.65 -0.43
N SER A 48 -13.69 -9.71 0.63
CA SER A 48 -14.58 -8.59 0.94
C SER A 48 -13.77 -7.34 1.26
N THR A 49 -14.18 -6.22 0.67
CA THR A 49 -13.53 -4.95 0.97
C THR A 49 -14.05 -4.34 2.26
N GLY A 50 -15.24 -4.74 2.72
CA GLY A 50 -15.86 -4.11 3.85
C GLY A 50 -16.43 -2.74 3.55
N PHE A 51 -16.54 -2.37 2.28
CA PHE A 51 -17.05 -1.07 1.88
C PHE A 51 -18.34 -1.22 1.11
N ASP A 52 -19.13 -0.14 1.11
CA ASP A 52 -20.36 -0.08 0.33
C ASP A 52 -20.18 0.68 -0.97
N LEU A 53 -19.19 1.55 -1.05
CA LEU A 53 -18.84 2.26 -2.27
C LEU A 53 -17.32 2.33 -2.38
N VAL A 54 -16.81 2.16 -3.60
CA VAL A 54 -15.40 2.30 -3.90
C VAL A 54 -15.25 3.08 -5.20
N VAL A 55 -14.08 3.67 -5.42
CA VAL A 55 -13.90 4.59 -6.54
C VAL A 55 -12.68 4.21 -7.39
N PRO A 56 -12.75 3.16 -8.21
CA PRO A 56 -11.65 2.86 -9.12
C PRO A 56 -11.67 3.75 -10.35
N SER A 57 -10.52 3.81 -11.03
CA SER A 57 -10.49 4.37 -12.37
C SER A 57 -11.22 3.44 -13.32
N ALA A 58 -11.84 4.03 -14.36
CA ALA A 58 -12.73 3.27 -15.23
C ALA A 58 -12.01 2.13 -15.94
N SER A 59 -10.77 2.37 -16.39
CA SER A 59 -10.04 1.31 -17.08
C SER A 59 -9.73 0.14 -16.15
N PHE A 60 -9.58 0.41 -14.84
CA PHE A 60 -9.40 -0.66 -13.87
C PHE A 60 -10.72 -1.37 -13.57
N LEU A 61 -11.82 -0.61 -13.51
CA LEU A 61 -13.12 -1.25 -13.30
C LEU A 61 -13.44 -2.22 -14.41
N GLU A 62 -13.02 -1.92 -15.64
CA GLU A 62 -13.26 -2.83 -16.76
C GLU A 62 -12.69 -4.22 -16.46
N ARG A 63 -11.46 -4.27 -15.94
CA ARG A 63 -10.87 -5.55 -15.57
C ARG A 63 -11.65 -6.19 -14.42
N GLN A 64 -12.05 -5.39 -13.43
CA GLN A 64 -12.68 -5.91 -12.22
C GLN A 64 -14.10 -6.42 -12.46
N LEU A 65 -14.79 -5.93 -13.50
CA LEU A 65 -16.14 -6.42 -13.78
C LEU A 65 -16.15 -7.92 -14.03
N THR A 66 -15.18 -8.43 -14.80
CA THR A 66 -15.18 -9.85 -15.15
C THR A 66 -15.00 -10.74 -13.93
N ALA A 67 -14.56 -10.20 -12.80
CA ALA A 67 -14.46 -10.94 -11.55
C ALA A 67 -15.75 -10.88 -10.74
N GLY A 68 -16.75 -10.14 -11.19
CA GLY A 68 -18.01 -10.06 -10.49
C GLY A 68 -17.96 -9.38 -9.14
N VAL A 69 -16.97 -8.51 -8.91
CA VAL A 69 -16.82 -7.88 -7.60
C VAL A 69 -17.78 -6.73 -7.37
N PHE A 70 -18.53 -6.31 -8.38
CA PHE A 70 -19.51 -5.24 -8.23
C PHE A 70 -20.90 -5.77 -8.55
N GLN A 71 -21.89 -5.04 -8.07
CA GLN A 71 -23.25 -5.29 -8.50
C GLN A 71 -23.76 -4.12 -9.34
N PRO A 72 -24.65 -4.38 -10.30
CA PRO A 72 -25.10 -3.30 -11.19
C PRO A 72 -25.93 -2.26 -10.45
N LEU A 73 -25.75 -1.00 -10.87
CA LEU A 73 -26.47 0.11 -10.28
C LEU A 73 -27.91 0.13 -10.77
N ASP A 74 -28.86 0.17 -9.84
CA ASP A 74 -30.27 0.28 -10.19
C ASP A 74 -30.55 1.71 -10.62
N LYS A 75 -30.70 1.92 -11.94
CA LYS A 75 -30.87 3.27 -12.46
C LYS A 75 -32.16 3.92 -11.98
N SER A 76 -33.16 3.13 -11.61
CA SER A 76 -34.39 3.68 -11.04
C SER A 76 -34.16 4.29 -9.67
N LYS A 77 -33.02 4.03 -9.03
CA LYS A 77 -32.66 4.68 -7.78
C LYS A 77 -31.71 5.85 -7.98
N LEU A 78 -31.36 6.17 -9.22
CA LEU A 78 -30.45 7.26 -9.57
C LEU A 78 -31.14 8.19 -10.55
N PRO A 79 -32.15 8.94 -10.09
CA PRO A 79 -33.00 9.67 -11.03
C PRO A 79 -32.29 10.80 -11.76
N GLU A 80 -31.42 11.54 -11.07
CA GLU A 80 -30.69 12.62 -11.69
C GLU A 80 -29.42 12.15 -12.39
N TRP A 81 -29.39 10.87 -12.77
CA TRP A 81 -28.31 10.34 -13.60
C TRP A 81 -28.13 11.16 -14.87
N LYS A 82 -29.22 11.75 -15.38
CA LYS A 82 -29.17 12.57 -16.59
C LYS A 82 -28.28 13.78 -16.43
N ASN A 83 -27.92 14.14 -15.19
CA ASN A 83 -26.98 15.24 -14.98
C ASN A 83 -25.60 14.95 -15.54
N LEU A 84 -25.24 13.67 -15.67
CA LEU A 84 -23.92 13.28 -16.13
C LEU A 84 -23.74 13.61 -17.61
N ASP A 85 -22.51 13.99 -17.97
CA ASP A 85 -22.21 14.35 -19.34
C ASP A 85 -22.40 13.15 -20.25
N PRO A 86 -23.21 13.27 -21.31
CA PRO A 86 -23.46 12.10 -22.17
C PRO A 86 -22.20 11.59 -22.87
N GLU A 87 -21.38 12.50 -23.42
CA GLU A 87 -20.18 12.08 -24.12
C GLU A 87 -19.21 11.37 -23.18
N LEU A 88 -19.14 11.83 -21.92
CA LEU A 88 -18.28 11.18 -20.96
C LEU A 88 -18.86 9.84 -20.52
N LEU A 89 -20.18 9.75 -20.38
CA LEU A 89 -20.82 8.46 -20.14
C LEU A 89 -20.53 7.50 -21.28
N LYS A 90 -20.59 7.99 -22.52
CA LYS A 90 -20.28 7.15 -23.67
C LYS A 90 -18.86 6.63 -23.60
N LEU A 91 -17.92 7.47 -23.16
CA LEU A 91 -16.53 7.06 -23.10
C LEU A 91 -16.31 6.01 -22.00
N VAL A 92 -16.92 6.20 -20.84
CA VAL A 92 -16.81 5.22 -19.77
C VAL A 92 -17.49 3.91 -20.18
N ALA A 93 -18.50 4.00 -21.04
CA ALA A 93 -19.22 2.80 -21.47
C ALA A 93 -18.34 1.84 -22.25
N LYS A 94 -17.20 2.30 -22.78
CA LYS A 94 -16.23 1.39 -23.36
C LYS A 94 -15.62 0.48 -22.30
N HIS A 95 -15.49 0.97 -21.07
CA HIS A 95 -15.03 0.18 -19.95
C HIS A 95 -16.17 -0.53 -19.22
N ASP A 96 -17.35 0.08 -19.21
CA ASP A 96 -18.49 -0.38 -18.43
C ASP A 96 -19.70 -0.41 -19.36
N PRO A 97 -19.89 -1.50 -20.09
CA PRO A 97 -20.96 -1.56 -21.11
C PRO A 97 -22.32 -1.15 -20.55
N ASP A 98 -22.99 -0.27 -21.30
CA ASP A 98 -24.30 0.29 -20.95
C ASP A 98 -24.29 1.05 -19.62
N ASN A 99 -23.10 1.48 -19.17
CA ASN A 99 -22.96 2.19 -17.89
C ASN A 99 -23.70 1.46 -16.77
N LYS A 100 -23.57 0.13 -16.74
CA LYS A 100 -24.37 -0.64 -15.80
C LYS A 100 -23.84 -0.59 -14.38
N PHE A 101 -22.52 -0.38 -14.21
CA PHE A 101 -21.89 -0.54 -12.91
C PHE A 101 -21.24 0.72 -12.36
N ALA A 102 -20.94 1.72 -13.18
CA ALA A 102 -20.04 2.79 -12.79
C ALA A 102 -20.72 4.15 -12.90
N MET A 103 -20.58 4.96 -11.85
CA MET A 103 -21.04 6.35 -11.89
C MET A 103 -19.85 7.28 -11.98
N PRO A 104 -19.61 7.90 -13.13
CA PRO A 104 -18.47 8.81 -13.27
C PRO A 104 -18.49 9.91 -12.22
N TYR A 105 -17.32 10.14 -11.61
CA TYR A 105 -17.18 11.08 -10.50
C TYR A 105 -16.31 12.27 -10.91
N MET A 106 -15.01 12.05 -11.11
CA MET A 106 -14.10 13.08 -11.59
C MET A 106 -13.24 12.51 -12.70
N TRP A 107 -12.59 13.39 -13.47
CA TRP A 107 -11.64 12.97 -14.48
C TRP A 107 -10.55 14.02 -14.62
N ALA A 108 -9.39 13.59 -15.09
CA ALA A 108 -8.24 14.47 -15.28
C ALA A 108 -7.22 13.72 -16.13
N THR A 109 -6.00 14.26 -16.20
CA THR A 109 -4.96 13.71 -17.06
C THR A 109 -3.68 13.48 -16.25
N THR A 110 -2.84 12.60 -16.79
CA THR A 110 -1.53 12.32 -16.21
C THR A 110 -0.51 13.12 -16.99
N GLY A 111 0.00 14.19 -16.39
CA GLY A 111 0.87 15.12 -17.06
C GLY A 111 2.11 15.40 -16.25
N ILE A 112 2.60 16.63 -16.35
CA ILE A 112 3.83 17.05 -15.72
C ILE A 112 3.53 18.19 -14.77
N GLY A 113 3.78 17.98 -13.48
CA GLY A 113 3.78 19.04 -12.49
C GLY A 113 5.21 19.49 -12.27
N TYR A 114 5.39 20.80 -12.09
CA TYR A 114 6.75 21.30 -12.05
C TYR A 114 6.81 22.64 -11.31
N ASN A 115 7.96 22.87 -10.67
CA ASN A 115 8.29 24.17 -10.11
C ASN A 115 8.75 25.09 -11.24
N VAL A 116 8.02 26.17 -11.46
CA VAL A 116 8.26 27.02 -12.63
C VAL A 116 9.65 27.64 -12.56
N ASP A 117 10.02 28.17 -11.39
CA ASP A 117 11.27 28.91 -11.29
C ASP A 117 12.46 27.96 -11.31
N LYS A 118 12.36 26.83 -10.61
CA LYS A 118 13.47 25.87 -10.58
C LYS A 118 13.74 25.30 -11.97
N VAL A 119 12.69 24.85 -12.65
CA VAL A 119 12.87 24.24 -13.98
C VAL A 119 13.46 25.27 -14.95
N LYS A 120 12.98 26.51 -14.89
CA LYS A 120 13.52 27.54 -15.77
C LYS A 120 14.95 27.92 -15.38
N ALA A 121 15.30 27.82 -14.09
CA ALA A 121 16.68 28.09 -13.70
C ALA A 121 17.63 27.05 -14.26
N VAL A 122 17.19 25.80 -14.33
CA VAL A 122 18.05 24.70 -14.76
C VAL A 122 18.06 24.54 -16.28
N LEU A 123 16.90 24.61 -16.92
CA LEU A 123 16.81 24.34 -18.35
C LEU A 123 16.60 25.60 -19.19
N GLY A 124 16.69 26.78 -18.58
CA GLY A 124 16.55 28.03 -19.30
C GLY A 124 15.12 28.53 -19.35
N GLU A 125 14.98 29.75 -19.87
CA GLU A 125 13.65 30.36 -19.99
C GLU A 125 12.76 29.58 -20.95
N ASN A 126 13.35 28.94 -21.96
CA ASN A 126 12.60 28.16 -22.96
C ASN A 126 12.59 26.68 -22.61
N ALA A 127 12.61 26.33 -21.33
CA ALA A 127 12.51 24.93 -20.94
C ALA A 127 11.25 24.31 -21.56
N PRO A 128 11.35 23.11 -22.12
CA PRO A 128 10.20 22.54 -22.83
C PRO A 128 9.10 22.06 -21.91
N VAL A 129 8.52 22.96 -21.13
CA VAL A 129 7.47 22.59 -20.17
C VAL A 129 6.18 22.24 -20.89
N ASP A 130 6.15 22.41 -22.22
CA ASP A 130 4.99 22.01 -23.02
C ASP A 130 5.14 20.60 -23.59
N SER A 131 6.17 19.87 -23.20
CA SER A 131 6.50 18.61 -23.86
C SER A 131 6.98 17.59 -22.82
N TRP A 132 6.72 16.31 -23.12
CA TRP A 132 7.30 15.24 -22.34
C TRP A 132 8.82 15.20 -22.42
N ASP A 133 9.42 15.95 -23.35
CA ASP A 133 10.88 16.08 -23.37
C ASP A 133 11.41 16.61 -22.05
N LEU A 134 10.61 17.41 -21.35
CA LEU A 134 11.06 17.98 -20.08
C LEU A 134 11.54 16.90 -19.13
N ILE A 135 10.85 15.76 -19.12
CA ILE A 135 11.08 14.74 -18.11
C ILE A 135 11.40 13.38 -18.71
N LEU A 136 11.13 13.14 -19.99
CA LEU A 136 11.42 11.85 -20.61
C LEU A 136 12.68 11.86 -21.47
N LYS A 137 13.32 13.01 -21.66
CA LYS A 137 14.59 13.07 -22.37
C LYS A 137 15.72 13.00 -21.36
N PRO A 138 16.63 12.01 -21.47
CA PRO A 138 17.62 11.81 -20.40
C PRO A 138 18.51 13.01 -20.14
N GLU A 139 18.87 13.77 -21.18
CA GLU A 139 19.75 14.93 -20.98
C GLU A 139 19.06 15.99 -20.13
N ASN A 140 17.74 16.13 -20.24
CA ASN A 140 17.05 17.09 -19.40
C ASN A 140 16.94 16.58 -17.97
N LEU A 141 16.64 15.29 -17.81
CA LEU A 141 16.49 14.74 -16.46
C LEU A 141 17.81 14.79 -15.70
N GLU A 142 18.94 14.61 -16.40
CA GLU A 142 20.23 14.67 -15.73
C GLU A 142 20.49 16.04 -15.13
N LYS A 143 20.01 17.11 -15.77
CA LYS A 143 20.15 18.44 -15.21
C LYS A 143 19.15 18.68 -14.09
N LEU A 144 17.91 18.21 -14.26
CA LEU A 144 16.91 18.35 -13.21
C LEU A 144 17.17 17.43 -12.03
N LYS A 145 18.06 16.44 -12.17
CA LYS A 145 18.28 15.47 -11.10
C LYS A 145 18.58 16.15 -9.77
N SER A 146 19.36 17.23 -9.82
CA SER A 146 19.79 17.89 -8.59
C SER A 146 18.64 18.55 -7.85
N CYS A 147 17.60 18.98 -8.56
N CYS A 147 17.60 18.99 -8.57
CA CYS A 147 16.51 19.67 -7.90
CA CYS A 147 16.47 19.69 -7.95
C CYS A 147 15.30 18.78 -7.61
C CYS A 147 15.31 18.77 -7.59
N GLY A 148 15.37 17.50 -7.96
CA GLY A 148 14.34 16.55 -7.54
C GLY A 148 13.37 16.13 -8.62
N VAL A 149 13.35 14.83 -8.92
CA VAL A 149 12.48 14.24 -9.93
C VAL A 149 11.66 13.14 -9.28
N SER A 150 10.36 13.11 -9.59
CA SER A 150 9.42 12.15 -9.01
C SER A 150 8.57 11.55 -10.11
N PHE A 151 8.52 10.22 -10.18
CA PHE A 151 7.60 9.53 -11.07
C PHE A 151 6.46 8.95 -10.26
N LEU A 152 5.25 9.00 -10.83
CA LEU A 152 4.06 8.48 -10.17
CA LEU A 152 4.11 8.48 -10.10
C LEU A 152 4.15 6.95 -10.05
N ASP A 153 3.62 6.41 -8.95
CA ASP A 153 3.62 4.97 -8.71
C ASP A 153 2.37 4.34 -9.32
N ALA A 154 2.28 4.44 -10.65
CA ALA A 154 1.17 3.86 -11.40
C ALA A 154 1.72 3.27 -12.68
N PRO A 155 2.08 1.98 -12.66
CA PRO A 155 2.81 1.39 -13.79
C PRO A 155 2.05 1.41 -15.11
N GLU A 156 0.72 1.25 -15.10
CA GLU A 156 0.00 1.26 -16.37
C GLU A 156 0.00 2.65 -16.99
N GLU A 157 -0.11 3.68 -16.16
CA GLU A 157 -0.08 5.04 -16.69
C GLU A 157 1.30 5.41 -17.21
N VAL A 158 2.36 5.03 -16.48
CA VAL A 158 3.71 5.42 -16.88
C VAL A 158 4.11 4.74 -18.18
N PHE A 159 3.81 3.45 -18.33
CA PHE A 159 4.24 2.75 -19.54
C PHE A 159 3.48 3.22 -20.76
N ALA A 160 2.17 3.47 -20.62
CA ALA A 160 1.40 4.05 -21.71
C ALA A 160 1.96 5.43 -22.10
N THR A 161 2.34 6.22 -21.10
CA THR A 161 2.92 7.54 -21.38
C THR A 161 4.23 7.42 -22.14
N VAL A 162 5.10 6.49 -21.72
CA VAL A 162 6.37 6.29 -22.40
C VAL A 162 6.14 5.79 -23.82
N LEU A 163 5.22 4.83 -24.00
CA LEU A 163 4.97 4.29 -25.33
C LEU A 163 4.48 5.37 -26.29
N ASN A 164 3.59 6.26 -25.82
CA ASN A 164 3.13 7.35 -26.66
C ASN A 164 4.25 8.31 -27.00
N TYR A 165 5.09 8.63 -26.01
CA TYR A 165 6.25 9.48 -26.25
C TYR A 165 7.19 8.87 -27.28
N LEU A 166 7.36 7.55 -27.24
CA LEU A 166 8.21 6.85 -28.18
C LEU A 166 7.54 6.62 -29.54
N GLY A 167 6.44 7.31 -29.82
CA GLY A 167 5.77 7.19 -31.10
C GLY A 167 5.01 5.90 -31.33
N LYS A 168 4.85 5.06 -30.31
CA LYS A 168 4.17 3.78 -30.45
C LYS A 168 2.76 3.87 -29.87
N ASP A 169 1.98 2.81 -30.11
CA ASP A 169 0.64 2.72 -29.57
C ASP A 169 0.69 2.80 -28.05
N PRO A 170 0.01 3.76 -27.42
CA PRO A 170 0.04 3.83 -25.95
C PRO A 170 -0.44 2.55 -25.28
N ASN A 171 -1.35 1.83 -25.93
CA ASN A 171 -1.80 0.51 -25.48
C ASN A 171 -1.23 -0.59 -26.36
N SER A 172 0.05 -0.46 -26.72
CA SER A 172 0.70 -1.46 -27.57
C SER A 172 0.54 -2.86 -26.99
N THR A 173 0.23 -3.80 -27.88
CA THR A 173 0.16 -5.22 -27.53
C THR A 173 1.39 -5.98 -27.98
N LYS A 174 2.48 -5.28 -28.35
CA LYS A 174 3.70 -5.91 -28.79
C LYS A 174 4.66 -5.99 -27.61
N ALA A 175 4.96 -7.21 -27.17
CA ALA A 175 5.77 -7.40 -25.97
C ALA A 175 7.12 -6.70 -26.10
N ASP A 176 7.74 -6.76 -27.29
CA ASP A 176 9.06 -6.17 -27.47
C ASP A 176 9.06 -4.67 -27.20
N ASP A 177 7.93 -4.00 -27.42
CA ASP A 177 7.84 -2.58 -27.11
C ASP A 177 8.10 -2.30 -25.65
N TYR A 178 7.63 -3.19 -24.76
CA TYR A 178 7.82 -3.00 -23.33
C TYR A 178 9.23 -3.38 -22.89
N THR A 179 9.69 -4.58 -23.30
CA THR A 179 11.00 -5.04 -22.86
C THR A 179 12.13 -4.30 -23.55
N GLY A 180 11.88 -3.77 -24.75
CA GLY A 180 12.91 -3.09 -25.50
C GLY A 180 12.93 -1.61 -25.24
N PRO A 181 12.36 -0.83 -26.17
CA PRO A 181 12.47 0.64 -26.07
C PRO A 181 11.86 1.25 -24.82
N ALA A 182 10.73 0.73 -24.32
CA ALA A 182 10.12 1.33 -23.13
C ALA A 182 11.00 1.11 -21.91
N THR A 183 11.50 -0.11 -21.72
CA THR A 183 12.39 -0.39 -20.59
C THR A 183 13.71 0.34 -20.75
N ASP A 184 14.26 0.37 -21.97
CA ASP A 184 15.53 1.04 -22.21
C ASP A 184 15.46 2.50 -21.76
N LEU A 185 14.44 3.23 -22.22
CA LEU A 185 14.32 4.64 -21.86
C LEU A 185 14.13 4.80 -20.34
N LEU A 186 13.26 4.00 -19.75
CA LEU A 186 13.01 4.12 -18.32
C LEU A 186 14.25 3.79 -17.50
N LEU A 187 15.12 2.91 -18.01
CA LEU A 187 16.33 2.58 -17.26
C LEU A 187 17.40 3.65 -17.41
N LYS A 188 17.38 4.40 -18.51
CA LYS A 188 18.25 5.57 -18.63
C LYS A 188 17.80 6.68 -17.68
N LEU A 189 16.49 6.88 -17.55
CA LEU A 189 15.98 7.93 -16.67
C LEU A 189 16.07 7.55 -15.20
N ARG A 190 16.05 6.26 -14.89
N ARG A 190 16.05 6.25 -14.90
CA ARG A 190 15.96 5.82 -13.49
CA ARG A 190 15.98 5.77 -13.52
C ARG A 190 17.01 6.42 -12.56
C ARG A 190 17.01 6.38 -12.57
N PRO A 191 18.29 6.53 -12.93
CA PRO A 191 19.25 7.11 -11.97
C PRO A 191 18.93 8.55 -11.57
N ASN A 192 18.16 9.28 -12.38
CA ASN A 192 17.84 10.67 -12.07
C ASN A 192 16.54 10.81 -11.29
N ILE A 193 15.82 9.72 -11.07
CA ILE A 193 14.53 9.76 -10.40
C ILE A 193 14.74 9.55 -8.91
N ARG A 194 14.25 10.50 -8.11
CA ARG A 194 14.42 10.38 -6.66
C ARG A 194 13.53 9.29 -6.09
N TYR A 195 12.25 9.25 -6.47
CA TYR A 195 11.35 8.26 -5.89
C TYR A 195 10.13 8.05 -6.79
N PHE A 196 9.46 6.93 -6.56
CA PHE A 196 8.19 6.57 -7.19
C PHE A 196 7.10 6.61 -6.14
N HIS A 197 6.08 7.44 -6.34
CA HIS A 197 5.05 7.59 -5.33
C HIS A 197 3.90 8.39 -5.93
N SER A 198 2.69 8.13 -5.43
CA SER A 198 1.48 8.71 -6.01
C SER A 198 0.88 9.80 -5.14
N SER A 199 1.56 10.25 -4.09
CA SER A 199 1.02 11.30 -3.25
C SER A 199 2.08 12.26 -2.74
N GLN A 200 3.27 11.75 -2.42
CA GLN A 200 4.29 12.58 -1.79
CA GLN A 200 4.29 12.58 -1.79
C GLN A 200 4.70 13.75 -2.68
N TYR A 201 4.57 13.60 -4.01
CA TYR A 201 4.97 14.69 -4.89
C TYR A 201 4.09 15.93 -4.70
N ILE A 202 2.90 15.78 -4.12
CA ILE A 202 2.06 16.94 -3.86
C ILE A 202 2.75 17.89 -2.89
N ASN A 203 3.10 17.39 -1.71
CA ASN A 203 3.76 18.23 -0.72
C ASN A 203 5.18 18.59 -1.13
N ASP A 204 5.89 17.67 -1.80
CA ASP A 204 7.24 17.98 -2.24
C ASP A 204 7.25 19.07 -3.31
N LEU A 205 6.23 19.08 -4.18
CA LEU A 205 6.11 20.20 -5.11
C LEU A 205 5.76 21.48 -4.38
N ALA A 206 4.87 21.40 -3.39
CA ALA A 206 4.42 22.59 -2.68
C ALA A 206 5.58 23.24 -1.91
N ASN A 207 6.35 22.44 -1.17
CA ASN A 207 7.41 22.99 -0.33
C ASN A 207 8.75 23.15 -1.05
N GLY A 208 8.82 22.84 -2.34
CA GLY A 208 10.04 23.05 -3.09
C GLY A 208 11.08 21.95 -2.99
N ASP A 209 10.71 20.76 -2.50
CA ASP A 209 11.69 19.69 -2.34
C ASP A 209 11.97 18.94 -3.64
N ILE A 210 11.01 18.94 -4.57
CA ILE A 210 11.25 18.42 -5.91
C ILE A 210 10.84 19.50 -6.91
N CYS A 211 11.38 19.39 -8.13
CA CYS A 211 11.11 20.39 -9.15
C CYS A 211 10.28 19.87 -10.32
N VAL A 212 10.20 18.56 -10.52
CA VAL A 212 9.43 18.01 -11.63
C VAL A 212 8.85 16.65 -11.23
N ALA A 213 7.65 16.36 -11.75
CA ALA A 213 6.94 15.16 -11.36
C ALA A 213 5.93 14.77 -12.43
N ILE A 214 5.86 13.48 -12.75
CA ILE A 214 4.72 12.94 -13.46
C ILE A 214 3.59 12.78 -12.46
N GLY A 215 2.47 13.46 -12.69
CA GLY A 215 1.40 13.43 -11.73
C GLY A 215 0.06 13.73 -12.36
N TRP A 216 -0.98 13.66 -11.52
CA TRP A 216 -2.34 13.94 -11.94
C TRP A 216 -2.64 15.44 -11.81
N ALA A 217 -3.38 15.97 -12.77
CA ALA A 217 -3.63 17.40 -12.85
C ALA A 217 -4.10 17.98 -11.52
N GLY A 218 -5.20 17.46 -10.98
CA GLY A 218 -5.76 18.01 -9.76
C GLY A 218 -4.79 18.00 -8.60
N LYS A 219 -4.03 16.91 -8.44
CA LYS A 219 -3.05 16.85 -7.36
CA LYS A 219 -3.05 16.85 -7.36
C LYS A 219 -2.02 17.96 -7.50
N VAL A 220 -1.53 18.19 -8.72
CA VAL A 220 -0.55 19.25 -8.91
C VAL A 220 -1.17 20.61 -8.67
N TRP A 221 -2.41 20.82 -9.13
CA TRP A 221 -3.07 22.10 -8.88
C TRP A 221 -3.31 22.31 -7.40
N GLN A 222 -3.52 21.24 -6.63
CA GLN A 222 -3.65 21.37 -5.18
C GLN A 222 -2.33 21.84 -4.58
N ALA A 223 -1.23 21.21 -5.00
CA ALA A 223 0.09 21.64 -4.54
C ALA A 223 0.32 23.11 -4.87
N SER A 224 -0.01 23.52 -6.09
CA SER A 224 0.15 24.92 -6.47
C SER A 224 -0.71 25.83 -5.61
N ASN A 225 -1.88 25.36 -5.19
CA ASN A 225 -2.74 26.16 -4.33
C ASN A 225 -2.18 26.22 -2.90
N ARG A 226 -1.66 25.10 -2.40
CA ARG A 226 -1.12 25.10 -1.03
C ARG A 226 0.10 26.02 -0.93
N ALA A 227 0.98 25.98 -1.94
CA ALA A 227 2.13 26.87 -1.94
C ALA A 227 1.70 28.32 -1.98
N LYS A 228 0.63 28.62 -2.72
CA LYS A 228 0.13 29.98 -2.78
C LYS A 228 -0.42 30.42 -1.42
N GLU A 229 -1.15 29.54 -0.74
CA GLU A 229 -1.71 29.88 0.56
C GLU A 229 -0.61 30.02 1.61
N ALA A 230 0.40 29.15 1.57
CA ALA A 230 1.52 29.27 2.48
C ALA A 230 2.39 30.50 2.19
N LYS A 231 2.22 31.11 1.02
CA LYS A 231 2.97 32.31 0.63
C LYS A 231 4.48 32.07 0.71
N ASN A 232 4.90 30.85 0.38
CA ASN A 232 6.30 30.47 0.45
C ASN A 232 7.09 30.83 -0.79
N GLY A 233 6.48 31.56 -1.73
CA GLY A 233 7.16 31.93 -2.96
C GLY A 233 7.34 30.80 -3.95
N VAL A 234 6.83 29.61 -3.67
CA VAL A 234 6.96 28.48 -4.58
C VAL A 234 5.88 28.59 -5.66
N ASN A 235 6.27 28.38 -6.91
CA ASN A 235 5.39 28.54 -8.06
C ASN A 235 5.29 27.20 -8.79
N VAL A 236 4.24 26.45 -8.50
CA VAL A 236 3.99 25.15 -9.09
C VAL A 236 2.98 25.32 -10.23
N SER A 237 3.18 24.59 -11.32
CA SER A 237 2.23 24.58 -12.42
C SER A 237 2.12 23.16 -12.97
N PHE A 238 1.15 22.96 -13.86
CA PHE A 238 0.87 21.66 -14.44
C PHE A 238 0.76 21.81 -15.95
N SER A 239 1.20 20.78 -16.67
CA SER A 239 1.23 20.82 -18.12
C SER A 239 0.69 19.51 -18.69
N ILE A 240 -0.26 19.63 -19.61
CA ILE A 240 -0.66 18.53 -20.49
C ILE A 240 0.19 18.63 -21.75
N PRO A 241 1.19 17.77 -21.94
CA PRO A 241 2.19 18.02 -22.98
C PRO A 241 1.62 17.92 -24.38
N LYS A 242 2.34 18.53 -25.32
CA LYS A 242 1.87 18.65 -26.70
C LYS A 242 1.79 17.32 -27.42
N GLU A 243 2.53 16.30 -26.97
CA GLU A 243 2.47 14.98 -27.59
C GLU A 243 1.24 14.18 -27.17
N GLY A 244 0.38 14.75 -26.34
CA GLY A 244 -0.73 14.03 -25.78
C GLY A 244 -0.44 13.52 -24.38
N ALA A 245 -1.49 13.01 -23.73
CA ALA A 245 -1.39 12.52 -22.36
C ALA A 245 -2.54 11.57 -22.10
N MET A 246 -2.38 10.77 -21.04
CA MET A 246 -3.40 9.81 -20.67
C MET A 246 -4.50 10.51 -19.87
N ALA A 247 -5.76 10.29 -20.26
CA ALA A 247 -6.90 10.74 -19.49
C ALA A 247 -7.46 9.58 -18.69
N PHE A 248 -7.95 9.85 -17.49
CA PHE A 248 -8.57 8.81 -16.68
C PHE A 248 -9.89 9.34 -16.12
N PHE A 249 -10.79 8.39 -15.81
CA PHE A 249 -12.13 8.71 -15.31
C PHE A 249 -12.38 7.87 -14.08
N ASP A 250 -12.37 8.51 -12.91
CA ASP A 250 -12.61 7.80 -11.66
C ASP A 250 -14.11 7.73 -11.40
N VAL A 251 -14.59 6.54 -11.06
CA VAL A 251 -16.01 6.23 -11.01
C VAL A 251 -16.34 5.58 -9.68
N PHE A 252 -17.48 5.95 -9.11
CA PHE A 252 -18.03 5.23 -7.98
C PHE A 252 -18.61 3.89 -8.45
N ALA A 253 -18.40 2.85 -7.64
CA ALA A 253 -18.96 1.53 -7.91
C ALA A 253 -19.35 0.89 -6.58
N MET A 254 -20.27 -0.05 -6.65
CA MET A 254 -20.83 -0.67 -5.45
C MET A 254 -20.41 -2.13 -5.36
N PRO A 255 -19.59 -2.50 -4.37
CA PRO A 255 -19.22 -3.92 -4.22
C PRO A 255 -20.44 -4.82 -4.14
N ALA A 256 -20.28 -6.03 -4.67
CA ALA A 256 -21.39 -6.98 -4.71
C ALA A 256 -21.89 -7.37 -3.34
N ASP A 257 -21.07 -7.23 -2.30
CA ASP A 257 -21.45 -7.60 -0.93
C ASP A 257 -21.71 -6.40 -0.04
N ALA A 258 -22.03 -5.24 -0.63
CA ALA A 258 -22.27 -4.05 0.15
C ALA A 258 -23.44 -4.27 1.10
N LYS A 259 -23.27 -3.82 2.34
CA LYS A 259 -24.29 -4.02 3.37
C LYS A 259 -25.36 -2.93 3.38
N ASN A 260 -24.98 -1.68 3.16
CA ASN A 260 -25.91 -0.56 3.28
C ASN A 260 -26.21 0.02 1.90
N LYS A 261 -26.95 -0.76 1.11
CA LYS A 261 -27.22 -0.36 -0.28
C LYS A 261 -28.05 0.91 -0.35
N ASP A 262 -29.12 0.98 0.45
CA ASP A 262 -29.98 2.17 0.44
C ASP A 262 -29.18 3.42 0.75
N GLU A 263 -28.34 3.37 1.78
CA GLU A 263 -27.52 4.50 2.14
C GLU A 263 -26.55 4.86 1.02
N ALA A 264 -25.97 3.84 0.37
CA ALA A 264 -25.04 4.10 -0.73
C ALA A 264 -25.74 4.78 -1.89
N TYR A 265 -26.97 4.37 -2.21
CA TYR A 265 -27.73 5.06 -3.25
C TYR A 265 -28.03 6.49 -2.85
N GLN A 266 -28.36 6.74 -1.58
CA GLN A 266 -28.58 8.10 -1.13
C GLN A 266 -27.31 8.94 -1.31
N PHE A 267 -26.14 8.33 -1.11
CA PHE A 267 -24.91 9.09 -1.27
C PHE A 267 -24.62 9.38 -2.74
N LEU A 268 -24.91 8.42 -3.63
CA LEU A 268 -24.71 8.66 -5.05
C LEU A 268 -25.64 9.75 -5.55
N ASN A 269 -26.91 9.71 -5.14
CA ASN A 269 -27.84 10.77 -5.51
C ASN A 269 -27.41 12.11 -4.94
N TYR A 270 -26.82 12.11 -3.74
CA TYR A 270 -26.29 13.35 -3.19
C TYR A 270 -25.17 13.91 -4.06
N LEU A 271 -24.32 13.04 -4.60
CA LEU A 271 -23.22 13.47 -5.47
C LEU A 271 -23.72 13.90 -6.84
N LEU A 272 -24.88 13.42 -7.28
CA LEU A 272 -25.44 13.84 -8.56
C LEU A 272 -26.02 15.24 -8.51
N ARG A 273 -26.19 15.82 -7.33
CA ARG A 273 -26.70 17.17 -7.24
C ARG A 273 -25.66 18.12 -7.82
N PRO A 274 -26.01 18.92 -8.83
CA PRO A 274 -24.99 19.76 -9.49
C PRO A 274 -24.23 20.66 -8.53
N ASP A 275 -24.92 21.29 -7.58
CA ASP A 275 -24.22 22.16 -6.64
C ASP A 275 -23.27 21.37 -5.74
N VAL A 276 -23.61 20.12 -5.44
CA VAL A 276 -22.77 19.31 -4.55
C VAL A 276 -21.42 19.02 -5.19
N VAL A 277 -21.44 18.49 -6.42
CA VAL A 277 -20.18 18.08 -7.03
C VAL A 277 -19.42 19.27 -7.58
N ALA A 278 -20.10 20.36 -7.92
CA ALA A 278 -19.38 21.58 -8.30
C ALA A 278 -18.57 22.12 -7.13
N HIS A 279 -19.15 22.08 -5.93
CA HIS A 279 -18.45 22.52 -4.73
C HIS A 279 -17.20 21.66 -4.49
N ILE A 280 -17.28 20.36 -4.77
CA ILE A 280 -16.12 19.50 -4.61
C ILE A 280 -15.02 19.91 -5.59
N SER A 281 -15.37 20.08 -6.86
CA SER A 281 -14.41 20.53 -7.86
C SER A 281 -13.73 21.84 -7.44
N ASP A 282 -14.46 22.72 -6.75
CA ASP A 282 -13.87 23.98 -6.30
C ASP A 282 -12.74 23.75 -5.31
N HIS A 283 -12.77 22.65 -4.57
CA HIS A 283 -11.76 22.38 -3.56
C HIS A 283 -10.66 21.43 -4.04
N VAL A 284 -10.97 20.47 -4.90
CA VAL A 284 -9.98 19.46 -5.31
C VAL A 284 -9.34 19.76 -6.65
N PHE A 285 -9.78 20.81 -7.35
CA PHE A 285 -9.21 21.21 -8.63
C PHE A 285 -9.25 20.06 -9.65
N TYR A 286 -10.32 19.26 -9.60
CA TYR A 286 -10.59 18.24 -10.60
C TYR A 286 -11.89 18.59 -11.32
N ALA A 287 -11.94 18.29 -12.61
CA ALA A 287 -13.18 18.42 -13.36
C ALA A 287 -14.11 17.26 -12.99
N ASN A 288 -15.37 17.57 -12.68
CA ASN A 288 -16.36 16.54 -12.45
C ASN A 288 -17.01 16.13 -13.77
N ALA A 289 -17.69 14.99 -13.74
CA ALA A 289 -18.36 14.45 -14.92
C ALA A 289 -19.82 14.89 -15.04
N ASN A 290 -20.24 15.87 -14.23
CA ASN A 290 -21.62 16.32 -14.19
C ASN A 290 -21.78 17.53 -15.11
N LYS A 291 -22.52 17.37 -16.21
CA LYS A 291 -22.64 18.45 -17.17
C LYS A 291 -23.49 19.60 -16.62
N ALA A 292 -24.46 19.30 -15.76
CA ALA A 292 -25.25 20.36 -15.15
C ALA A 292 -24.46 21.18 -14.15
N ALA A 293 -23.40 20.60 -13.57
CA ALA A 293 -22.64 21.28 -12.53
C ALA A 293 -21.61 22.25 -13.09
N THR A 294 -21.25 22.13 -14.37
CA THR A 294 -20.13 22.91 -14.92
C THR A 294 -20.28 24.41 -14.72
N PRO A 295 -21.40 25.06 -15.06
CA PRO A 295 -21.49 26.51 -14.82
C PRO A 295 -21.51 26.88 -13.35
N LEU A 296 -21.73 25.92 -12.45
CA LEU A 296 -21.67 26.19 -11.03
C LEU A 296 -20.23 26.14 -10.48
N VAL A 297 -19.31 25.53 -11.22
CA VAL A 297 -17.92 25.47 -10.78
C VAL A 297 -17.31 26.86 -10.85
N SER A 298 -16.45 27.17 -9.88
CA SER A 298 -15.78 28.46 -9.84
C SER A 298 -15.00 28.71 -11.13
N ALA A 299 -14.88 29.99 -11.50
CA ALA A 299 -14.16 30.34 -12.71
C ALA A 299 -12.68 29.99 -12.61
N GLU A 300 -12.13 29.97 -11.39
CA GLU A 300 -10.73 29.60 -11.22
C GLU A 300 -10.47 28.18 -11.69
N VAL A 301 -11.39 27.26 -11.38
CA VAL A 301 -11.25 25.87 -11.78
C VAL A 301 -11.79 25.65 -13.19
N ARG A 302 -13.00 26.13 -13.46
CA ARG A 302 -13.68 25.84 -14.72
C ARG A 302 -12.90 26.37 -15.93
N GLU A 303 -12.22 27.51 -15.78
CA GLU A 303 -11.54 28.14 -16.90
C GLU A 303 -10.07 27.75 -17.00
N ASN A 304 -9.60 26.82 -16.17
CA ASN A 304 -8.22 26.33 -16.23
C ASN A 304 -8.17 25.20 -17.24
N PRO A 305 -7.53 25.39 -18.40
CA PRO A 305 -7.50 24.30 -19.40
C PRO A 305 -6.71 23.09 -18.95
N GLY A 306 -5.94 23.18 -17.87
CA GLY A 306 -5.33 22.01 -17.28
C GLY A 306 -6.26 21.20 -16.41
N ILE A 307 -7.50 21.69 -16.22
CA ILE A 307 -8.53 20.98 -15.48
C ILE A 307 -9.72 20.67 -16.38
N TYR A 308 -10.22 21.67 -17.10
CA TYR A 308 -11.25 21.51 -18.12
C TYR A 308 -10.63 21.79 -19.48
N PRO A 309 -9.97 20.80 -20.10
CA PRO A 309 -9.26 21.06 -21.35
C PRO A 309 -10.23 21.29 -22.50
N PRO A 310 -9.89 22.16 -23.43
CA PRO A 310 -10.76 22.40 -24.58
C PRO A 310 -10.67 21.28 -25.59
N ALA A 311 -11.52 21.36 -26.62
CA ALA A 311 -11.61 20.30 -27.62
C ALA A 311 -10.28 20.07 -28.33
N ASP A 312 -9.50 21.14 -28.54
CA ASP A 312 -8.18 20.99 -29.13
C ASP A 312 -7.32 20.02 -28.32
N VAL A 313 -7.32 20.18 -27.00
CA VAL A 313 -6.45 19.37 -26.16
C VAL A 313 -7.04 17.98 -25.97
N ARG A 314 -8.36 17.89 -25.76
CA ARG A 314 -8.98 16.59 -25.50
C ARG A 314 -8.79 15.63 -26.67
N ALA A 315 -8.71 16.16 -27.89
CA ALA A 315 -8.54 15.30 -29.06
C ALA A 315 -7.19 14.60 -29.05
N LYS A 316 -6.21 15.12 -28.34
CA LYS A 316 -4.88 14.52 -28.29
C LYS A 316 -4.68 13.62 -27.08
N LEU A 317 -5.72 13.40 -26.28
CA LEU A 317 -5.62 12.55 -25.10
C LEU A 317 -5.95 11.10 -25.47
N PHE A 318 -5.34 10.17 -24.73
CA PHE A 318 -5.61 8.76 -24.91
C PHE A 318 -6.02 8.14 -23.58
N THR A 319 -6.70 7.00 -23.65
CA THR A 319 -7.15 6.27 -22.48
C THR A 319 -6.57 4.86 -22.48
N LEU A 320 -6.49 4.27 -21.29
CA LEU A 320 -5.92 2.95 -21.14
C LEU A 320 -6.89 1.87 -21.62
N LYS A 321 -6.34 0.90 -22.35
CA LYS A 321 -7.01 -0.37 -22.61
C LYS A 321 -6.48 -1.41 -21.64
N VAL A 322 -7.25 -2.48 -21.48
CA VAL A 322 -6.88 -3.58 -20.60
C VAL A 322 -6.02 -4.55 -21.40
N GLN A 323 -4.81 -4.81 -20.91
CA GLN A 323 -3.89 -5.67 -21.63
C GLN A 323 -4.19 -7.13 -21.34
N ASP A 324 -3.72 -7.99 -22.23
CA ASP A 324 -3.86 -9.44 -22.10
C ASP A 324 -2.89 -9.96 -21.03
N PRO A 325 -3.06 -11.21 -20.60
CA PRO A 325 -2.18 -11.74 -19.55
C PRO A 325 -0.68 -11.67 -19.86
N LYS A 326 -0.29 -11.86 -21.12
CA LYS A 326 1.13 -11.83 -21.44
C LYS A 326 1.70 -10.44 -21.32
N ILE A 327 1.07 -9.45 -21.96
CA ILE A 327 1.55 -8.07 -21.89
C ILE A 327 1.49 -7.57 -20.45
N ASP A 328 0.45 -7.95 -19.72
CA ASP A 328 0.34 -7.54 -18.32
C ASP A 328 1.49 -8.09 -17.50
N ARG A 329 1.89 -9.33 -17.75
CA ARG A 329 3.04 -9.90 -17.04
C ARG A 329 4.33 -9.20 -17.43
N VAL A 330 4.52 -8.96 -18.73
CA VAL A 330 5.77 -8.35 -19.21
C VAL A 330 5.88 -6.91 -18.71
N ARG A 331 4.76 -6.18 -18.71
CA ARG A 331 4.77 -4.82 -18.18
C ARG A 331 5.03 -4.81 -16.68
N THR A 332 4.43 -5.74 -15.93
CA THR A 332 4.64 -5.77 -14.49
C THR A 332 6.09 -6.11 -14.16
N ARG A 333 6.70 -7.00 -14.95
CA ARG A 333 8.09 -7.37 -14.70
C ARG A 333 9.03 -6.21 -15.02
N ALA A 334 8.69 -5.39 -16.01
CA ALA A 334 9.55 -4.27 -16.37
C ALA A 334 9.43 -3.15 -15.33
N TRP A 335 8.21 -2.90 -14.84
CA TRP A 335 8.00 -1.93 -13.78
C TRP A 335 8.85 -2.25 -12.56
N THR A 336 8.83 -3.52 -12.13
CA THR A 336 9.68 -3.95 -11.02
C THR A 336 11.15 -3.68 -11.31
N LYS A 337 11.59 -4.01 -12.52
CA LYS A 337 12.97 -3.73 -12.92
C LYS A 337 13.27 -2.23 -12.85
N VAL A 338 12.29 -1.39 -13.16
CA VAL A 338 12.50 0.05 -13.18
C VAL A 338 12.52 0.62 -11.78
N LYS A 339 11.53 0.28 -10.96
CA LYS A 339 11.52 0.76 -9.56
C LYS A 339 12.60 0.13 -8.70
N SER A 340 13.53 -0.66 -9.25
CA SER A 340 14.48 -1.43 -8.47
C SER A 340 15.23 -0.58 -7.45
N GLY A 341 14.94 -0.77 -6.17
N GLY A 341 14.93 -0.77 -6.17
CA GLY A 341 15.62 -0.04 -5.11
CA GLY A 341 15.58 -0.01 -5.12
C GLY A 341 15.09 1.36 -4.89
C GLY A 341 14.80 0.01 -3.82
N GLN B 1 22.86 -13.16 -19.60
CA GLN B 1 22.79 -12.52 -18.28
C GLN B 1 21.61 -13.05 -17.48
N LYS B 2 21.85 -13.36 -16.21
CA LYS B 2 20.87 -13.98 -15.34
C LYS B 2 20.28 -12.94 -14.38
N THR B 3 18.97 -12.99 -14.19
CA THR B 3 18.27 -12.08 -13.29
C THR B 3 17.39 -12.87 -12.33
N LEU B 4 16.89 -12.18 -11.31
CA LEU B 4 16.02 -12.77 -10.31
C LEU B 4 15.27 -11.65 -9.60
N HIS B 5 13.95 -11.75 -9.57
CA HIS B 5 13.09 -10.73 -8.97
C HIS B 5 12.56 -11.23 -7.65
N ILE B 6 12.83 -10.49 -6.58
CA ILE B 6 12.48 -10.87 -5.21
C ILE B 6 11.64 -9.76 -4.59
N TYR B 7 10.54 -10.15 -3.94
CA TYR B 7 9.64 -9.25 -3.23
C TYR B 7 9.59 -9.69 -1.78
N ASN B 8 10.14 -8.88 -0.88
CA ASN B 8 10.36 -9.30 0.50
C ASN B 8 9.94 -8.18 1.44
N TRP B 9 9.73 -8.54 2.70
CA TRP B 9 9.45 -7.54 3.71
C TRP B 9 10.60 -6.53 3.79
N SER B 10 10.26 -5.30 4.16
CA SER B 10 11.29 -4.28 4.33
C SER B 10 12.17 -4.63 5.53
N ASP B 11 13.45 -4.27 5.43
CA ASP B 11 14.41 -4.51 6.50
C ASP B 11 14.43 -5.97 6.92
N TYR B 12 14.43 -6.87 5.92
CA TYR B 12 14.40 -8.31 6.18
C TYR B 12 15.61 -9.02 5.60
N ILE B 13 16.70 -8.30 5.34
CA ILE B 13 17.89 -8.88 4.74
C ILE B 13 19.10 -8.11 5.26
N ALA B 14 20.26 -8.75 5.20
CA ALA B 14 21.50 -8.09 5.57
C ALA B 14 21.98 -7.19 4.44
N PRO B 15 22.77 -6.16 4.75
CA PRO B 15 23.20 -5.23 3.70
C PRO B 15 23.96 -5.89 2.56
N ASP B 16 24.74 -6.92 2.84
CA ASP B 16 25.60 -7.53 1.81
C ASP B 16 25.08 -8.86 1.29
N THR B 17 23.91 -9.30 1.75
CA THR B 17 23.40 -10.62 1.33
C THR B 17 23.25 -10.70 -0.17
N VAL B 18 22.60 -9.71 -0.77
CA VAL B 18 22.36 -9.72 -2.21
C VAL B 18 23.68 -9.60 -2.96
N ALA B 19 24.53 -8.67 -2.53
CA ALA B 19 25.81 -8.47 -3.21
C ALA B 19 26.66 -9.72 -3.17
N ASN B 20 26.74 -10.38 -2.01
CA ASN B 20 27.50 -11.62 -1.91
C ASN B 20 26.92 -12.70 -2.81
N PHE B 21 25.60 -12.79 -2.87
CA PHE B 21 24.96 -13.77 -3.75
C PHE B 21 25.25 -13.47 -5.21
N GLU B 22 25.11 -12.20 -5.61
CA GLU B 22 25.39 -11.81 -6.99
C GLU B 22 26.84 -12.14 -7.37
N LYS B 23 27.78 -11.77 -6.50
CA LYS B 23 29.19 -11.99 -6.80
C LYS B 23 29.50 -13.47 -6.93
N GLU B 24 28.87 -14.31 -6.10
CA GLU B 24 29.14 -15.73 -6.11
C GLU B 24 28.50 -16.44 -7.30
N THR B 25 27.36 -15.94 -7.79
CA THR B 25 26.60 -16.64 -8.81
C THR B 25 26.57 -15.94 -10.16
N GLY B 26 26.80 -14.62 -10.20
CA GLY B 26 26.63 -13.89 -11.44
C GLY B 26 25.21 -13.51 -11.77
N ILE B 27 24.27 -13.70 -10.85
CA ILE B 27 22.88 -13.38 -11.07
C ILE B 27 22.63 -11.95 -10.59
N LYS B 28 22.00 -11.14 -11.42
CA LYS B 28 21.61 -9.79 -11.03
C LYS B 28 20.26 -9.87 -10.33
N VAL B 29 20.22 -9.49 -9.06
CA VAL B 29 18.99 -9.58 -8.28
C VAL B 29 18.27 -8.24 -8.32
N VAL B 30 16.98 -8.29 -8.68
CA VAL B 30 16.08 -7.14 -8.58
C VAL B 30 15.27 -7.31 -7.31
N TYR B 31 15.38 -6.33 -6.41
CA TYR B 31 14.90 -6.46 -5.03
C TYR B 31 13.97 -5.30 -4.71
N ASP B 32 12.80 -5.61 -4.14
CA ASP B 32 11.87 -4.58 -3.70
C ASP B 32 11.14 -5.07 -2.45
N VAL B 33 10.54 -4.14 -1.71
CA VAL B 33 10.07 -4.42 -0.37
C VAL B 33 8.63 -3.97 -0.17
N PHE B 34 7.99 -4.58 0.83
CA PHE B 34 6.62 -4.27 1.23
C PHE B 34 6.53 -4.41 2.74
N ASP B 35 5.45 -3.88 3.33
CA ASP B 35 5.30 -3.98 4.78
CA ASP B 35 5.27 -3.90 4.77
C ASP B 35 3.89 -4.39 5.19
N SER B 36 3.14 -5.00 4.28
CA SER B 36 1.77 -5.39 4.57
C SER B 36 1.46 -6.73 3.91
N ASN B 37 0.96 -7.69 4.69
CA ASN B 37 0.43 -8.91 4.11
C ASN B 37 -0.70 -8.61 3.15
N GLU B 38 -1.53 -7.63 3.47
CA GLU B 38 -2.67 -7.29 2.62
C GLU B 38 -2.22 -6.78 1.26
N VAL B 39 -1.15 -5.98 1.22
CA VAL B 39 -0.67 -5.46 -0.06
C VAL B 39 -0.16 -6.60 -0.93
N LEU B 40 0.59 -7.53 -0.34
CA LEU B 40 1.12 -8.65 -1.12
C LEU B 40 0.00 -9.56 -1.60
N GLU B 41 -0.96 -9.87 -0.71
CA GLU B 41 -2.07 -10.73 -1.10
C GLU B 41 -2.88 -10.10 -2.22
N GLY B 42 -3.03 -8.77 -2.18
CA GLY B 42 -3.74 -8.09 -3.25
C GLY B 42 -3.05 -8.25 -4.59
N LYS B 43 -1.73 -8.11 -4.62
CA LYS B 43 -0.98 -8.27 -5.86
C LYS B 43 -1.05 -9.70 -6.37
N LEU B 44 -0.99 -10.69 -5.47
CA LEU B 44 -1.08 -12.08 -5.89
C LEU B 44 -2.46 -12.40 -6.43
N MET B 45 -3.51 -11.83 -5.84
CA MET B 45 -4.86 -12.12 -6.28
C MET B 45 -5.27 -11.34 -7.53
N ALA B 46 -4.63 -10.21 -7.80
CA ALA B 46 -5.07 -9.35 -8.90
C ALA B 46 -4.47 -9.73 -10.24
N GLY B 47 -3.31 -10.38 -10.27
CA GLY B 47 -2.67 -10.71 -11.54
C GLY B 47 -1.24 -11.15 -11.32
N SER B 48 -0.41 -10.91 -12.33
CA SER B 48 1.00 -11.25 -12.22
C SER B 48 1.71 -10.25 -11.32
N THR B 49 2.52 -10.76 -10.40
CA THR B 49 3.29 -9.87 -9.52
C THR B 49 4.55 -9.34 -10.18
N GLY B 50 5.05 -10.02 -11.22
CA GLY B 50 6.33 -9.67 -11.77
C GLY B 50 7.52 -10.15 -10.97
N PHE B 51 7.32 -11.08 -10.03
CA PHE B 51 8.39 -11.56 -9.17
C PHE B 51 8.57 -13.06 -9.32
N ASP B 52 9.78 -13.52 -8.98
CA ASP B 52 10.08 -14.95 -8.97
C ASP B 52 10.03 -15.54 -7.57
N LEU B 53 10.17 -14.70 -6.53
CA LEU B 53 10.05 -15.10 -5.15
C LEU B 53 9.31 -13.99 -4.39
N VAL B 54 8.39 -14.38 -3.52
CA VAL B 54 7.68 -13.46 -2.64
C VAL B 54 7.62 -14.08 -1.25
N VAL B 55 7.33 -13.25 -0.25
CA VAL B 55 7.48 -13.70 1.14
C VAL B 55 6.26 -13.38 1.99
N PRO B 56 5.15 -14.12 1.87
CA PRO B 56 3.99 -13.88 2.73
C PRO B 56 4.13 -14.54 4.09
N SER B 57 3.29 -14.09 5.03
CA SER B 57 3.10 -14.85 6.25
C SER B 57 2.39 -16.16 5.93
N ALA B 58 2.67 -17.18 6.74
CA ALA B 58 2.17 -18.52 6.44
C ALA B 58 0.64 -18.57 6.48
N SER B 59 0.01 -17.80 7.37
CA SER B 59 -1.44 -17.83 7.47
C SER B 59 -2.10 -17.18 6.25
N PHE B 60 -1.43 -16.21 5.63
CA PHE B 60 -1.94 -15.64 4.39
C PHE B 60 -1.67 -16.56 3.20
N LEU B 61 -0.54 -17.29 3.22
CA LEU B 61 -0.25 -18.21 2.13
C LEU B 61 -1.31 -19.30 2.03
N GLU B 62 -1.84 -19.75 3.18
CA GLU B 62 -2.92 -20.73 3.17
C GLU B 62 -4.08 -20.25 2.31
N ARG B 63 -4.48 -18.99 2.47
CA ARG B 63 -5.52 -18.45 1.61
C ARG B 63 -5.08 -18.39 0.15
N GLN B 64 -3.84 -17.96 -0.08
CA GLN B 64 -3.36 -17.79 -1.44
C GLN B 64 -3.26 -19.13 -2.18
N LEU B 65 -2.94 -20.21 -1.46
CA LEU B 65 -2.93 -21.54 -2.08
C LEU B 65 -4.30 -21.90 -2.63
N THR B 66 -5.37 -21.46 -1.97
CA THR B 66 -6.71 -21.70 -2.49
C THR B 66 -6.88 -21.09 -3.88
N ALA B 67 -6.23 -19.97 -4.14
CA ALA B 67 -6.34 -19.31 -5.45
C ALA B 67 -5.38 -19.87 -6.49
N GLY B 68 -4.50 -20.79 -6.10
CA GLY B 68 -3.56 -21.38 -7.04
C GLY B 68 -2.45 -20.46 -7.51
N VAL B 69 -2.07 -19.46 -6.71
CA VAL B 69 -1.12 -18.45 -7.19
C VAL B 69 0.34 -18.89 -7.11
N PHE B 70 0.63 -19.97 -6.41
CA PHE B 70 2.01 -20.45 -6.25
C PHE B 70 2.20 -21.80 -6.91
N GLN B 71 3.47 -22.13 -7.16
CA GLN B 71 3.82 -23.46 -7.65
C GLN B 71 4.61 -24.23 -6.60
N PRO B 72 4.45 -25.55 -6.53
CA PRO B 72 5.14 -26.32 -5.50
C PRO B 72 6.64 -26.30 -5.68
N LEU B 73 7.35 -26.32 -4.54
CA LEU B 73 8.80 -26.28 -4.53
C LEU B 73 9.38 -27.67 -4.80
N ASP B 74 10.35 -27.73 -5.69
CA ASP B 74 11.04 -28.99 -6.01
C ASP B 74 12.05 -29.25 -4.91
N LYS B 75 11.70 -30.14 -3.98
CA LYS B 75 12.57 -30.38 -2.83
C LYS B 75 13.89 -31.01 -3.25
N SER B 76 13.92 -31.73 -4.38
CA SER B 76 15.18 -32.28 -4.87
C SER B 76 16.13 -31.17 -5.31
N LYS B 77 15.63 -29.96 -5.52
CA LYS B 77 16.48 -28.81 -5.82
C LYS B 77 16.75 -27.97 -4.58
N LEU B 78 16.34 -28.45 -3.41
CA LEU B 78 16.57 -27.76 -2.13
C LEU B 78 17.22 -28.75 -1.18
N PRO B 79 18.49 -29.09 -1.40
CA PRO B 79 19.07 -30.25 -0.71
C PRO B 79 19.26 -30.05 0.79
N GLU B 80 19.55 -28.83 1.24
CA GLU B 80 19.75 -28.57 2.66
C GLU B 80 18.44 -28.19 3.36
N TRP B 81 17.29 -28.49 2.75
CA TRP B 81 16.00 -28.26 3.36
C TRP B 81 15.96 -28.76 4.81
N LYS B 82 16.64 -29.87 5.08
CA LYS B 82 16.67 -30.48 6.40
C LYS B 82 17.25 -29.56 7.48
N ASN B 83 17.88 -28.44 7.10
CA ASN B 83 18.32 -27.48 8.10
C ASN B 83 17.14 -26.81 8.80
N LEU B 84 16.00 -26.71 8.12
CA LEU B 84 14.86 -26.01 8.70
C LEU B 84 14.37 -26.73 9.95
N ASP B 85 13.99 -25.94 10.96
CA ASP B 85 13.50 -26.49 12.21
C ASP B 85 12.26 -27.35 11.97
N PRO B 86 12.29 -28.64 12.27
CA PRO B 86 11.13 -29.49 11.98
C PRO B 86 9.88 -29.11 12.74
N GLU B 87 10.02 -28.55 13.95
CA GLU B 87 8.83 -28.06 14.66
C GLU B 87 8.23 -26.87 13.94
N LEU B 88 9.07 -25.96 13.46
CA LEU B 88 8.55 -24.82 12.71
CA LEU B 88 8.57 -24.82 12.70
C LEU B 88 7.92 -25.27 11.40
N LEU B 89 8.48 -26.30 10.77
CA LEU B 89 7.86 -26.85 9.56
C LEU B 89 6.47 -27.39 9.86
N LYS B 90 6.34 -28.13 10.97
CA LYS B 90 5.06 -28.70 11.33
C LYS B 90 4.01 -27.62 11.57
N LEU B 91 4.40 -26.51 12.20
CA LEU B 91 3.47 -25.40 12.42
C LEU B 91 3.08 -24.73 11.10
N VAL B 92 4.03 -24.57 10.19
CA VAL B 92 3.69 -24.01 8.88
C VAL B 92 2.89 -25.01 8.07
N ALA B 93 3.10 -26.31 8.30
CA ALA B 93 2.34 -27.34 7.58
C ALA B 93 0.84 -27.25 7.85
N LYS B 94 0.43 -26.62 8.95
CA LYS B 94 -1.00 -26.35 9.16
C LYS B 94 -1.56 -25.51 8.04
N HIS B 95 -0.78 -24.57 7.52
CA HIS B 95 -1.20 -23.71 6.41
C HIS B 95 -0.77 -24.25 5.06
N ASP B 96 0.27 -25.09 5.03
CA ASP B 96 0.88 -25.56 3.79
C ASP B 96 1.13 -27.05 3.98
N PRO B 97 0.11 -27.88 3.75
CA PRO B 97 0.23 -29.30 4.07
C PRO B 97 1.46 -29.93 3.44
N ASP B 98 2.20 -30.69 4.26
CA ASP B 98 3.43 -31.36 3.86
C ASP B 98 4.46 -30.40 3.29
N ASN B 99 4.34 -29.11 3.64
CA ASN B 99 5.31 -28.08 3.28
C ASN B 99 5.63 -28.08 1.78
N LYS B 100 4.58 -28.11 0.97
CA LYS B 100 4.77 -28.25 -0.47
C LYS B 100 5.14 -26.95 -1.14
N PHE B 101 4.72 -25.80 -0.59
CA PHE B 101 4.83 -24.53 -1.30
C PHE B 101 5.73 -23.50 -0.65
N ALA B 102 5.97 -23.58 0.66
CA ALA B 102 6.58 -22.50 1.40
C ALA B 102 7.86 -22.94 2.09
N MET B 103 8.88 -22.08 2.03
CA MET B 103 10.11 -22.29 2.77
C MET B 103 10.17 -21.30 3.92
N PRO B 104 10.03 -21.75 5.17
CA PRO B 104 10.07 -20.82 6.31
C PRO B 104 11.36 -20.01 6.33
N TYR B 105 11.23 -18.71 6.51
CA TYR B 105 12.35 -17.78 6.45
C TYR B 105 12.64 -17.17 7.82
N MET B 106 11.74 -16.33 8.33
CA MET B 106 11.87 -15.68 9.63
C MET B 106 10.55 -15.77 10.37
N TRP B 107 10.62 -15.61 11.69
CA TRP B 107 9.40 -15.64 12.50
C TRP B 107 9.58 -14.78 13.74
N ALA B 108 8.47 -14.28 14.24
CA ALA B 108 8.47 -13.40 15.42
C ALA B 108 7.06 -13.34 15.97
N THR B 109 6.82 -12.37 16.85
CA THR B 109 5.54 -12.23 17.52
C THR B 109 5.03 -10.81 17.37
N THR B 110 3.73 -10.65 17.61
CA THR B 110 3.08 -9.34 17.62
C THR B 110 2.84 -8.97 19.07
N GLY B 111 3.66 -8.07 19.60
CA GLY B 111 3.65 -7.72 21.00
C GLY B 111 3.64 -6.21 21.18
N ILE B 112 4.31 -5.78 22.25
CA ILE B 112 4.26 -4.39 22.70
C ILE B 112 5.67 -3.83 22.63
N GLY B 113 5.88 -2.85 21.75
CA GLY B 113 7.09 -2.04 21.76
C GLY B 113 6.85 -0.76 22.53
N TYR B 114 7.81 -0.39 23.38
CA TYR B 114 7.57 0.73 24.27
C TYR B 114 8.86 1.42 24.64
N ASN B 115 8.72 2.68 25.03
CA ASN B 115 9.81 3.49 25.55
C ASN B 115 9.90 3.28 27.05
N VAL B 116 11.03 2.75 27.51
CA VAL B 116 11.16 2.33 28.90
C VAL B 116 10.99 3.52 29.84
N ASP B 117 11.69 4.62 29.56
CA ASP B 117 11.67 5.74 30.49
C ASP B 117 10.32 6.44 30.49
N LYS B 118 9.68 6.57 29.32
CA LYS B 118 8.38 7.22 29.25
C LYS B 118 7.31 6.38 29.93
N VAL B 119 7.29 5.07 29.66
CA VAL B 119 6.33 4.19 30.32
C VAL B 119 6.58 4.18 31.82
N LYS B 120 7.85 4.17 32.23
CA LYS B 120 8.18 4.22 33.65
C LYS B 120 7.71 5.52 34.28
N ALA B 121 7.89 6.64 33.58
CA ALA B 121 7.45 7.92 34.13
C ALA B 121 5.93 8.02 34.21
N VAL B 122 5.21 7.42 33.26
CA VAL B 122 3.76 7.59 33.23
C VAL B 122 3.08 6.60 34.17
N LEU B 123 3.35 5.31 34.01
CA LEU B 123 2.65 4.29 34.75
C LEU B 123 3.41 3.77 35.96
N GLY B 124 4.60 4.29 36.22
CA GLY B 124 5.31 3.97 37.44
C GLY B 124 6.34 2.87 37.26
N GLU B 125 7.04 2.60 38.36
CA GLU B 125 8.06 1.56 38.38
C GLU B 125 7.44 0.18 38.15
N ASN B 126 6.26 -0.06 38.70
CA ASN B 126 5.56 -1.33 38.54
C ASN B 126 4.66 -1.36 37.31
N ALA B 127 4.99 -0.59 36.28
CA ALA B 127 4.15 -0.54 35.09
C ALA B 127 4.00 -1.95 34.51
N PRO B 128 2.78 -2.35 34.15
CA PRO B 128 2.56 -3.74 33.71
C PRO B 128 3.10 -4.01 32.30
N VAL B 129 4.41 -3.89 32.11
CA VAL B 129 5.01 -4.05 30.79
C VAL B 129 5.03 -5.53 30.41
N ASP B 130 4.62 -6.39 31.33
CA ASP B 130 4.53 -7.83 31.09
C ASP B 130 3.12 -8.27 30.72
N SER B 131 2.25 -7.33 30.38
CA SER B 131 0.84 -7.63 30.22
C SER B 131 0.25 -6.78 29.10
N TRP B 132 -0.72 -7.35 28.39
CA TRP B 132 -1.50 -6.57 27.44
C TRP B 132 -2.31 -5.46 28.13
N ASP B 133 -2.38 -5.47 29.47
CA ASP B 133 -3.02 -4.37 30.19
C ASP B 133 -2.33 -3.05 29.90
N LEU B 134 -1.02 -3.08 29.61
CA LEU B 134 -0.28 -1.84 29.36
C LEU B 134 -0.94 -1.00 28.28
N ILE B 135 -1.48 -1.66 27.26
CA ILE B 135 -1.98 -0.95 26.08
C ILE B 135 -3.46 -1.20 25.81
N LEU B 136 -4.04 -2.30 26.30
CA LEU B 136 -5.44 -2.61 26.02
C LEU B 136 -6.38 -2.27 27.17
N LYS B 137 -5.85 -1.77 28.28
CA LYS B 137 -6.67 -1.31 29.39
C LYS B 137 -6.92 0.19 29.24
N PRO B 138 -8.16 0.64 29.08
CA PRO B 138 -8.40 2.05 28.70
C PRO B 138 -7.81 3.07 29.66
N GLU B 139 -7.79 2.79 30.97
CA GLU B 139 -7.22 3.76 31.91
C GLU B 139 -5.71 3.90 31.73
N ASN B 140 -5.03 2.82 31.37
CA ASN B 140 -3.60 2.92 31.04
C ASN B 140 -3.40 3.69 29.75
N LEU B 141 -4.17 3.36 28.71
CA LEU B 141 -4.00 4.02 27.42
C LEU B 141 -4.33 5.51 27.50
N GLU B 142 -5.31 5.87 28.33
CA GLU B 142 -5.62 7.28 28.51
C GLU B 142 -4.45 8.04 29.11
N LYS B 143 -3.69 7.40 30.00
CA LYS B 143 -2.52 8.04 30.57
C LYS B 143 -1.38 8.12 29.56
N LEU B 144 -1.25 7.12 28.71
CA LEU B 144 -0.19 7.09 27.72
C LEU B 144 -0.53 7.86 26.45
N LYS B 145 -1.75 8.38 26.33
CA LYS B 145 -2.18 9.01 25.09
C LYS B 145 -1.27 10.17 24.70
N SER B 146 -0.96 11.04 25.66
CA SER B 146 -0.20 12.25 25.36
C SER B 146 1.26 11.97 25.02
N CYS B 147 1.78 10.77 25.28
CA CYS B 147 3.13 10.45 24.85
CA CYS B 147 3.13 10.41 24.85
C CYS B 147 3.15 9.58 23.58
N GLY B 148 1.99 9.31 22.99
CA GLY B 148 1.92 8.64 21.70
C GLY B 148 1.65 7.15 21.72
N VAL B 149 0.50 6.75 21.17
CA VAL B 149 0.11 5.35 21.06
C VAL B 149 -0.14 5.03 19.59
N SER B 150 0.44 3.93 19.12
N SER B 150 0.45 3.94 19.11
CA SER B 150 0.27 3.46 17.75
CA SER B 150 0.22 3.49 17.74
C SER B 150 -0.13 2.00 17.74
C SER B 150 -0.13 2.01 17.73
N PHE B 151 -1.04 1.65 16.84
CA PHE B 151 -1.38 0.26 16.57
C PHE B 151 -0.92 -0.08 15.17
N LEU B 152 -0.46 -1.30 14.97
CA LEU B 152 -0.01 -1.69 13.64
C LEU B 152 -1.21 -1.88 12.70
N ASP B 153 -0.94 -1.70 11.41
CA ASP B 153 -1.99 -1.78 10.38
C ASP B 153 -2.11 -3.21 9.86
N ALA B 154 -2.45 -4.12 10.77
CA ALA B 154 -2.60 -5.55 10.48
C ALA B 154 -3.93 -6.02 11.06
N PRO B 155 -5.01 -5.93 10.28
CA PRO B 155 -6.35 -6.14 10.86
C PRO B 155 -6.58 -7.51 11.47
N GLU B 156 -6.06 -8.58 10.86
CA GLU B 156 -6.25 -9.91 11.42
C GLU B 156 -5.46 -10.07 12.71
N GLU B 157 -4.26 -9.48 12.78
CA GLU B 157 -3.45 -9.61 13.98
C GLU B 157 -4.05 -8.87 15.15
N VAL B 158 -4.54 -7.65 14.92
CA VAL B 158 -5.10 -6.85 16.02
C VAL B 158 -6.33 -7.53 16.59
N PHE B 159 -7.21 -8.03 15.71
CA PHE B 159 -8.46 -8.60 16.21
C PHE B 159 -8.22 -9.90 16.98
N ALA B 160 -7.32 -10.75 16.48
CA ALA B 160 -6.95 -11.94 17.24
C ALA B 160 -6.38 -11.57 18.60
N THR B 161 -5.56 -10.52 18.65
CA THR B 161 -4.97 -10.10 19.91
C THR B 161 -6.03 -9.61 20.88
N VAL B 162 -6.95 -8.78 20.41
CA VAL B 162 -8.03 -8.31 21.27
C VAL B 162 -8.90 -9.47 21.72
N LEU B 163 -9.25 -10.36 20.80
CA LEU B 163 -10.07 -11.51 21.17
C LEU B 163 -9.39 -12.36 22.23
N ASN B 164 -8.09 -12.63 22.05
CA ASN B 164 -7.36 -13.38 23.07
C ASN B 164 -7.32 -12.63 24.40
N TYR B 165 -7.09 -11.32 24.34
CA TYR B 165 -7.07 -10.51 25.56
C TYR B 165 -8.42 -10.54 26.26
N LEU B 166 -9.51 -10.57 25.48
CA LEU B 166 -10.85 -10.64 26.04
C LEU B 166 -11.23 -12.03 26.51
N GLY B 167 -10.28 -12.97 26.51
CA GLY B 167 -10.57 -14.34 26.92
C GLY B 167 -11.34 -15.16 25.92
N LYS B 168 -11.50 -14.68 24.69
CA LYS B 168 -12.19 -15.44 23.66
C LYS B 168 -11.19 -16.27 22.86
N ASP B 169 -11.73 -17.12 22.00
CA ASP B 169 -10.91 -17.81 21.01
C ASP B 169 -10.22 -16.76 20.14
N PRO B 170 -8.88 -16.74 20.08
CA PRO B 170 -8.21 -15.76 19.21
C PRO B 170 -8.66 -15.85 17.76
N ASN B 171 -9.05 -17.04 17.32
CA ASN B 171 -9.58 -17.26 15.99
C ASN B 171 -11.08 -17.56 16.02
N SER B 172 -11.79 -16.82 16.87
CA SER B 172 -13.22 -17.07 17.06
C SER B 172 -13.96 -17.04 15.73
N THR B 173 -14.92 -17.95 15.60
CA THR B 173 -15.80 -17.98 14.44
C THR B 173 -17.20 -17.44 14.76
N LYS B 174 -17.37 -16.80 15.92
CA LYS B 174 -18.63 -16.16 16.27
C LYS B 174 -18.55 -14.69 15.83
N ALA B 175 -19.39 -14.31 14.87
CA ALA B 175 -19.35 -12.94 14.37
C ALA B 175 -19.62 -11.92 15.47
N ASP B 176 -20.45 -12.29 16.45
CA ASP B 176 -20.79 -11.37 17.53
C ASP B 176 -19.57 -10.96 18.33
N ASP B 177 -18.54 -11.81 18.38
CA ASP B 177 -17.31 -11.42 19.06
C ASP B 177 -16.65 -10.24 18.37
N TYR B 178 -16.66 -10.23 17.03
CA TYR B 178 -16.02 -9.14 16.29
C TYR B 178 -16.86 -7.88 16.34
N THR B 179 -18.16 -7.98 16.02
CA THR B 179 -19.01 -6.80 16.03
C THR B 179 -19.27 -6.29 17.43
N GLY B 180 -19.20 -7.16 18.43
CA GLY B 180 -19.52 -6.79 19.79
C GLY B 180 -18.33 -6.32 20.60
N PRO B 181 -17.89 -7.13 21.56
CA PRO B 181 -16.87 -6.68 22.50
C PRO B 181 -15.53 -6.30 21.86
N ALA B 182 -15.10 -7.02 20.83
CA ALA B 182 -13.86 -6.65 20.15
C ALA B 182 -13.96 -5.23 19.58
N THR B 183 -15.03 -4.96 18.84
CA THR B 183 -15.27 -3.60 18.36
C THR B 183 -15.47 -2.64 19.52
N ASP B 184 -16.20 -3.08 20.56
CA ASP B 184 -16.42 -2.23 21.73
C ASP B 184 -15.09 -1.76 22.31
N LEU B 185 -14.21 -2.71 22.65
CA LEU B 185 -12.94 -2.33 23.26
C LEU B 185 -12.12 -1.47 22.32
N LEU B 186 -12.02 -1.87 21.05
CA LEU B 186 -11.26 -1.08 20.09
C LEU B 186 -11.82 0.34 19.96
N LEU B 187 -13.14 0.51 20.11
CA LEU B 187 -13.71 1.85 20.03
C LEU B 187 -13.48 2.65 21.30
N LYS B 188 -13.48 1.99 22.48
CA LYS B 188 -13.08 2.67 23.70
C LYS B 188 -11.67 3.24 23.58
N LEU B 189 -10.73 2.42 23.07
CA LEU B 189 -9.33 2.79 22.99
C LEU B 189 -9.02 3.74 21.84
N ARG B 190 -9.89 3.79 20.82
CA ARG B 190 -9.59 4.56 19.61
C ARG B 190 -9.19 6.01 19.83
N PRO B 191 -9.82 6.78 20.72
CA PRO B 191 -9.40 8.20 20.86
C PRO B 191 -7.98 8.37 21.38
N ASN B 192 -7.38 7.32 21.96
CA ASN B 192 -6.02 7.42 22.48
C ASN B 192 -4.96 6.97 21.48
N ILE B 193 -5.36 6.27 20.43
CA ILE B 193 -4.44 5.79 19.41
C ILE B 193 -4.14 6.93 18.45
N ARG B 194 -2.86 7.25 18.28
CA ARG B 194 -2.50 8.36 17.40
C ARG B 194 -2.65 7.97 15.93
N TYR B 195 -2.24 6.76 15.56
CA TYR B 195 -2.39 6.32 14.18
C TYR B 195 -2.27 4.80 14.11
N PHE B 196 -2.81 4.25 13.02
CA PHE B 196 -2.63 2.86 12.63
C PHE B 196 -1.64 2.82 11.47
N HIS B 197 -0.54 2.09 11.64
CA HIS B 197 0.46 2.00 10.58
C HIS B 197 1.39 0.84 10.88
N SER B 198 1.88 0.19 9.82
CA SER B 198 2.70 -1.00 9.94
C SER B 198 4.20 -0.72 9.84
N SER B 199 4.60 0.54 9.69
CA SER B 199 6.02 0.87 9.64
C SER B 199 6.37 2.17 10.34
N GLN B 200 5.44 3.11 10.48
CA GLN B 200 5.80 4.41 11.05
C GLN B 200 6.22 4.28 12.52
N TYR B 201 5.71 3.27 13.22
CA TYR B 201 6.06 3.14 14.64
C TYR B 201 7.52 2.77 14.85
N ILE B 202 8.22 2.32 13.80
CA ILE B 202 9.64 2.00 13.95
C ILE B 202 10.43 3.28 14.17
N ASN B 203 10.20 4.30 13.34
CA ASN B 203 10.93 5.56 13.50
C ASN B 203 10.43 6.32 14.72
N ASP B 204 9.12 6.30 14.97
CA ASP B 204 8.56 7.07 16.08
C ASP B 204 9.01 6.51 17.43
N LEU B 205 9.18 5.19 17.55
CA LEU B 205 9.78 4.65 18.76
C LEU B 205 11.24 5.05 18.87
N ALA B 206 11.98 5.00 17.76
CA ALA B 206 13.41 5.25 17.80
C ALA B 206 13.74 6.68 18.22
N ASN B 207 12.92 7.65 17.79
CA ASN B 207 13.19 9.05 18.08
C ASN B 207 12.30 9.63 19.17
N GLY B 208 11.59 8.79 19.91
CA GLY B 208 10.85 9.25 21.07
C GLY B 208 9.49 9.89 20.77
N ASP B 209 9.02 9.84 19.53
CA ASP B 209 7.74 10.46 19.22
C ASP B 209 6.55 9.65 19.69
N ILE B 210 6.72 8.35 19.94
CA ILE B 210 5.67 7.52 20.52
CA ILE B 210 5.68 7.48 20.49
C ILE B 210 6.28 6.66 21.63
N CYS B 211 5.49 6.43 22.67
CA CYS B 211 5.96 5.70 23.85
C CYS B 211 5.51 4.25 23.89
N VAL B 212 4.46 3.87 23.15
CA VAL B 212 3.93 2.51 23.19
C VAL B 212 3.30 2.20 21.84
N ALA B 213 3.44 0.94 21.43
CA ALA B 213 2.97 0.50 20.12
C ALA B 213 2.73 -1.00 20.14
N ILE B 214 1.71 -1.44 19.42
CA ILE B 214 1.58 -2.85 19.04
C ILE B 214 2.32 -3.03 17.73
N GLY B 215 3.26 -3.98 17.71
CA GLY B 215 4.06 -4.15 16.52
C GLY B 215 4.86 -5.44 16.57
N TRP B 216 5.61 -5.67 15.50
CA TRP B 216 6.37 -6.89 15.37
C TRP B 216 7.69 -6.78 16.12
N ALA B 217 8.10 -7.89 16.74
CA ALA B 217 9.26 -7.89 17.62
C ALA B 217 10.49 -7.30 16.94
N GLY B 218 10.87 -7.87 15.79
CA GLY B 218 12.11 -7.46 15.16
C GLY B 218 12.14 -6.00 14.76
N LYS B 219 10.99 -5.47 14.31
CA LYS B 219 10.92 -4.05 14.00
C LYS B 219 11.16 -3.20 15.25
N VAL B 220 10.59 -3.62 16.39
CA VAL B 220 10.83 -2.89 17.63
C VAL B 220 12.30 -2.98 18.03
N TRP B 221 12.90 -4.17 17.88
CA TRP B 221 14.32 -4.30 18.21
C TRP B 221 15.20 -3.51 17.25
N GLN B 222 14.82 -3.41 15.98
CA GLN B 222 15.53 -2.52 15.07
C GLN B 222 15.41 -1.07 15.54
N ALA B 223 14.20 -0.67 15.95
CA ALA B 223 14.03 0.67 16.49
C ALA B 223 14.89 0.90 17.71
N SER B 224 14.95 -0.09 18.62
CA SER B 224 15.80 0.03 19.79
C SER B 224 17.26 0.16 19.40
N ASN B 225 17.70 -0.64 18.42
CA ASN B 225 19.09 -0.58 17.98
C ASN B 225 19.40 0.74 17.30
N ARG B 226 18.46 1.26 16.51
CA ARG B 226 18.65 2.57 15.90
C ARG B 226 18.83 3.65 16.96
N ALA B 227 18.06 3.56 18.05
CA ALA B 227 18.18 4.56 19.11
C ALA B 227 19.55 4.53 19.76
N LYS B 228 20.09 3.32 19.98
CA LYS B 228 21.46 3.22 20.49
C LYS B 228 22.46 3.77 19.48
N GLU B 229 22.21 3.52 18.20
CA GLU B 229 23.08 4.05 17.14
C GLU B 229 23.12 5.57 17.19
N ALA B 230 21.96 6.20 17.31
CA ALA B 230 21.89 7.66 17.34
C ALA B 230 22.39 8.25 18.66
N LYS B 231 22.59 7.43 19.69
CA LYS B 231 23.05 7.90 21.00
C LYS B 231 22.10 8.94 21.59
N ASN B 232 20.82 8.89 21.20
CA ASN B 232 19.86 9.91 21.59
C ASN B 232 19.27 9.68 22.99
N GLY B 233 19.74 8.67 23.72
CA GLY B 233 19.19 8.42 25.04
C GLY B 233 17.81 7.81 25.06
N VAL B 234 17.27 7.44 23.91
CA VAL B 234 15.98 6.77 23.83
C VAL B 234 16.19 5.28 24.08
N ASN B 235 15.48 4.73 25.07
CA ASN B 235 15.59 3.33 25.43
CA ASN B 235 15.60 3.33 25.43
C ASN B 235 14.29 2.63 25.05
N VAL B 236 14.34 1.82 23.99
CA VAL B 236 13.18 1.10 23.47
C VAL B 236 13.32 -0.37 23.83
N SER B 237 12.21 -0.96 24.24
CA SER B 237 12.15 -2.38 24.57
C SER B 237 10.91 -2.99 23.90
N PHE B 238 10.80 -4.31 24.03
CA PHE B 238 9.68 -5.06 23.46
C PHE B 238 9.24 -6.10 24.48
N SER B 239 7.94 -6.37 24.49
CA SER B 239 7.37 -7.32 25.45
C SER B 239 6.46 -8.31 24.74
N ILE B 240 6.69 -9.60 25.00
CA ILE B 240 5.73 -10.64 24.69
C ILE B 240 4.89 -10.82 25.95
N PRO B 241 3.65 -10.31 25.98
CA PRO B 241 2.92 -10.25 27.25
C PRO B 241 2.57 -11.62 27.79
N LYS B 242 2.28 -11.66 29.09
CA LYS B 242 2.08 -12.91 29.81
C LYS B 242 0.79 -13.61 29.41
N GLU B 243 -0.19 -12.88 28.87
CA GLU B 243 -1.42 -13.49 28.40
C GLU B 243 -1.25 -14.21 27.07
N GLY B 244 -0.06 -14.21 26.49
CA GLY B 244 0.17 -14.78 25.19
C GLY B 244 0.15 -13.73 24.09
N ALA B 245 0.55 -14.15 22.90
CA ALA B 245 0.62 -13.25 21.76
C ALA B 245 0.57 -14.07 20.48
N MET B 246 0.33 -13.38 19.38
CA MET B 246 0.29 -14.05 18.09
C MET B 246 1.70 -14.23 17.55
N ALA B 247 2.00 -15.44 17.10
CA ALA B 247 3.22 -15.72 16.36
C ALA B 247 2.91 -15.78 14.87
N PHE B 248 3.86 -15.34 14.06
CA PHE B 248 3.71 -15.41 12.62
C PHE B 248 5.00 -15.92 12.01
N PHE B 249 4.88 -16.55 10.84
CA PHE B 249 6.01 -17.16 10.15
C PHE B 249 6.01 -16.66 8.72
N ASP B 250 7.04 -15.90 8.36
CA ASP B 250 7.15 -15.37 7.00
C ASP B 250 7.94 -16.36 6.16
N VAL B 251 7.36 -16.74 5.03
CA VAL B 251 7.83 -17.87 4.24
C VAL B 251 8.10 -17.43 2.81
N PHE B 252 9.16 -17.97 2.21
CA PHE B 252 9.41 -17.77 0.80
C PHE B 252 8.52 -18.69 -0.03
N ALA B 253 7.97 -18.15 -1.12
CA ALA B 253 7.15 -18.91 -2.04
C ALA B 253 7.43 -18.44 -3.46
N MET B 254 7.07 -19.29 -4.41
CA MET B 254 7.39 -19.06 -5.82
C MET B 254 6.10 -18.86 -6.61
N PRO B 255 5.86 -17.66 -7.14
CA PRO B 255 4.66 -17.47 -7.96
C PRO B 255 4.60 -18.48 -9.09
N ALA B 256 3.38 -18.87 -9.44
CA ALA B 256 3.18 -19.86 -10.49
C ALA B 256 3.71 -19.38 -11.85
N ASP B 257 3.79 -18.07 -12.06
CA ASP B 257 4.29 -17.54 -13.32
C ASP B 257 5.71 -17.00 -13.21
N ALA B 258 6.48 -17.49 -12.24
CA ALA B 258 7.87 -17.07 -12.09
C ALA B 258 8.68 -17.41 -13.34
N LYS B 259 9.66 -16.56 -13.65
CA LYS B 259 10.42 -16.67 -14.88
C LYS B 259 11.80 -17.29 -14.70
N ASN B 260 12.49 -16.99 -13.59
CA ASN B 260 13.86 -17.46 -13.41
C ASN B 260 13.93 -18.50 -12.30
N LYS B 261 13.27 -19.64 -12.51
CA LYS B 261 13.11 -20.62 -11.44
C LYS B 261 14.44 -21.17 -10.96
N ASP B 262 15.36 -21.45 -11.88
CA ASP B 262 16.65 -21.98 -11.47
C ASP B 262 17.42 -20.95 -10.63
N GLU B 263 17.40 -19.69 -11.04
CA GLU B 263 18.03 -18.64 -10.24
C GLU B 263 17.35 -18.53 -8.88
N ALA B 264 16.03 -18.76 -8.83
CA ALA B 264 15.31 -18.66 -7.56
C ALA B 264 15.70 -19.79 -6.62
N TYR B 265 15.81 -21.01 -7.12
CA TYR B 265 16.25 -22.11 -6.27
C TYR B 265 17.67 -21.86 -5.76
N GLN B 266 18.54 -21.31 -6.62
CA GLN B 266 19.88 -20.94 -6.17
C GLN B 266 19.83 -19.98 -5.00
N PHE B 267 18.94 -18.99 -5.06
CA PHE B 267 18.84 -18.04 -3.96
C PHE B 267 18.24 -18.69 -2.73
N LEU B 268 17.24 -19.55 -2.90
CA LEU B 268 16.68 -20.27 -1.76
C LEU B 268 17.75 -21.15 -1.11
N ASN B 269 18.53 -21.86 -1.91
CA ASN B 269 19.58 -22.71 -1.34
C ASN B 269 20.64 -21.87 -0.65
N TYR B 270 20.94 -20.70 -1.20
CA TYR B 270 21.84 -19.76 -0.53
C TYR B 270 21.31 -19.41 0.86
N LEU B 271 20.03 -19.13 0.96
CA LEU B 271 19.44 -18.79 2.25
C LEU B 271 19.38 -19.99 3.18
N LEU B 272 19.46 -21.22 2.64
CA LEU B 272 19.48 -22.40 3.50
C LEU B 272 20.82 -22.60 4.19
N ARG B 273 21.88 -21.95 3.73
CA ARG B 273 23.17 -22.06 4.40
CA ARG B 273 23.17 -22.06 4.40
C ARG B 273 23.07 -21.48 5.81
N PRO B 274 23.45 -22.23 6.84
CA PRO B 274 23.32 -21.71 8.21
C PRO B 274 24.04 -20.39 8.44
N ASP B 275 25.23 -20.21 7.84
CA ASP B 275 25.96 -18.97 8.07
C ASP B 275 25.29 -17.78 7.38
N VAL B 276 24.66 -18.00 6.23
CA VAL B 276 24.01 -16.90 5.53
C VAL B 276 22.82 -16.37 6.31
N VAL B 277 21.94 -17.27 6.77
CA VAL B 277 20.72 -16.82 7.41
C VAL B 277 20.99 -16.35 8.84
N ALA B 278 22.02 -16.89 9.50
CA ALA B 278 22.39 -16.39 10.81
C ALA B 278 22.96 -14.98 10.72
N HIS B 279 23.69 -14.69 9.64
CA HIS B 279 24.17 -13.33 9.42
C HIS B 279 23.01 -12.36 9.25
N ILE B 280 21.95 -12.79 8.58
CA ILE B 280 20.79 -11.93 8.38
C ILE B 280 20.11 -11.63 9.72
N SER B 281 19.90 -12.67 10.53
CA SER B 281 19.32 -12.47 11.87
C SER B 281 20.13 -11.48 12.68
N ASP B 282 21.47 -11.53 12.56
CA ASP B 282 22.32 -10.60 13.30
C ASP B 282 21.98 -9.15 12.99
N HIS B 283 21.53 -8.86 11.78
CA HIS B 283 21.27 -7.48 11.39
CA HIS B 283 21.27 -7.49 11.35
C HIS B 283 19.81 -7.07 11.48
N VAL B 284 18.87 -7.99 11.26
CA VAL B 284 17.44 -7.64 11.27
C VAL B 284 16.76 -7.96 12.59
N PHE B 285 17.40 -8.71 13.49
CA PHE B 285 16.88 -8.95 14.83
C PHE B 285 15.60 -9.78 14.80
N TYR B 286 15.54 -10.74 13.88
CA TYR B 286 14.48 -11.73 13.82
C TYR B 286 15.07 -13.12 13.97
N ALA B 287 14.36 -13.99 14.67
CA ALA B 287 14.71 -15.41 14.66
C ALA B 287 14.48 -15.97 13.28
N ASN B 288 15.46 -16.72 12.77
CA ASN B 288 15.25 -17.45 11.51
C ASN B 288 14.71 -18.84 11.80
N ALA B 289 14.24 -19.50 10.75
CA ALA B 289 13.63 -20.81 10.85
C ALA B 289 14.65 -21.94 10.64
N ASN B 290 15.94 -21.64 10.67
CA ASN B 290 16.99 -22.60 10.38
C ASN B 290 17.56 -23.09 11.69
N LYS B 291 17.31 -24.36 12.02
CA LYS B 291 17.79 -24.90 13.29
C LYS B 291 19.31 -25.00 13.30
N ALA B 292 19.92 -25.37 12.17
CA ALA B 292 21.37 -25.48 12.10
C ALA B 292 22.06 -24.13 12.23
N ALA B 293 21.34 -23.03 11.98
CA ALA B 293 21.97 -21.71 12.03
C ALA B 293 22.05 -21.15 13.43
N THR B 294 21.16 -21.57 14.33
CA THR B 294 21.02 -20.95 15.64
C THR B 294 22.34 -20.73 16.38
N PRO B 295 23.24 -21.73 16.51
CA PRO B 295 24.51 -21.47 17.22
C PRO B 295 25.40 -20.45 16.52
N LEU B 296 25.14 -20.15 15.24
CA LEU B 296 25.89 -19.13 14.54
C LEU B 296 25.32 -17.73 14.74
N VAL B 297 24.10 -17.61 15.26
CA VAL B 297 23.53 -16.29 15.53
C VAL B 297 24.26 -15.65 16.70
N SER B 298 24.46 -14.34 16.61
CA SER B 298 25.11 -13.60 17.68
C SER B 298 24.36 -13.76 19.00
N ALA B 299 25.11 -13.79 20.10
CA ALA B 299 24.49 -13.96 21.41
C ALA B 299 23.54 -12.81 21.72
N GLU B 300 23.87 -11.60 21.26
CA GLU B 300 22.99 -10.45 21.42
C GLU B 300 21.58 -10.75 20.89
N VAL B 301 21.50 -11.38 19.72
CA VAL B 301 20.21 -11.72 19.12
C VAL B 301 19.70 -13.08 19.62
N ARG B 302 20.58 -14.07 19.63
CA ARG B 302 20.17 -15.44 19.96
C ARG B 302 19.60 -15.54 21.38
N GLU B 303 20.19 -14.81 22.33
CA GLU B 303 19.80 -14.89 23.72
C GLU B 303 18.76 -13.84 24.11
N ASN B 304 18.23 -13.08 23.16
CA ASN B 304 17.16 -12.12 23.45
C ASN B 304 15.84 -12.88 23.54
N PRO B 305 15.21 -12.95 24.71
CA PRO B 305 13.94 -13.69 24.83
C PRO B 305 12.80 -13.05 24.06
N GLY B 306 12.95 -11.81 23.60
CA GLY B 306 11.95 -11.21 22.74
C GLY B 306 12.13 -11.51 21.27
N ILE B 307 13.19 -12.23 20.91
CA ILE B 307 13.47 -12.64 19.54
C ILE B 307 13.42 -14.16 19.39
N TYR B 308 14.18 -14.86 20.23
CA TYR B 308 14.09 -16.31 20.39
C TYR B 308 13.41 -16.59 21.72
N PRO B 309 12.08 -16.63 21.77
CA PRO B 309 11.40 -16.73 23.07
C PRO B 309 11.69 -18.05 23.75
N PRO B 310 11.75 -18.06 25.08
CA PRO B 310 11.98 -19.33 25.79
C PRO B 310 10.81 -20.29 25.61
N ALA B 311 11.03 -21.53 26.06
CA ALA B 311 10.05 -22.59 25.82
C ALA B 311 8.73 -22.30 26.51
N ASP B 312 8.76 -21.73 27.72
CA ASP B 312 7.52 -21.45 28.42
C ASP B 312 6.78 -20.25 27.83
N VAL B 313 7.47 -19.40 27.08
CA VAL B 313 6.78 -18.31 26.39
C VAL B 313 6.15 -18.81 25.10
N ARG B 314 6.88 -19.67 24.37
CA ARG B 314 6.35 -20.22 23.13
C ARG B 314 5.06 -21.01 23.36
N ALA B 315 4.93 -21.66 24.52
CA ALA B 315 3.74 -22.43 24.82
C ALA B 315 2.49 -21.57 24.98
N LYS B 316 2.65 -20.25 25.10
CA LYS B 316 1.53 -19.33 25.24
C LYS B 316 1.24 -18.55 23.96
N LEU B 317 2.00 -18.79 22.89
CA LEU B 317 1.78 -18.14 21.61
C LEU B 317 0.69 -18.85 20.82
N PHE B 318 -0.06 -18.08 20.04
CA PHE B 318 -1.08 -18.61 19.16
C PHE B 318 -0.81 -18.14 17.73
N THR B 319 -1.48 -18.80 16.78
CA THR B 319 -1.30 -18.50 15.37
C THR B 319 -2.66 -18.19 14.75
N LEU B 320 -2.62 -17.42 13.67
CA LEU B 320 -3.85 -17.09 12.95
C LEU B 320 -4.36 -18.29 12.17
N LYS B 321 -5.68 -18.46 12.17
CA LYS B 321 -6.35 -19.40 11.29
C LYS B 321 -7.12 -18.64 10.22
N VAL B 322 -7.34 -19.29 9.08
CA VAL B 322 -8.08 -18.67 8.00
C VAL B 322 -9.57 -18.71 8.31
N GLN B 323 -10.25 -17.59 8.08
CA GLN B 323 -11.66 -17.47 8.40
C GLN B 323 -12.52 -17.66 7.16
N ASP B 324 -13.76 -18.09 7.37
CA ASP B 324 -14.73 -18.18 6.30
C ASP B 324 -15.08 -16.79 5.80
N PRO B 325 -15.58 -16.68 4.56
CA PRO B 325 -15.97 -15.36 4.04
C PRO B 325 -16.89 -14.58 4.94
N LYS B 326 -17.79 -15.25 5.67
CA LYS B 326 -18.71 -14.56 6.57
C LYS B 326 -17.96 -13.81 7.66
N ILE B 327 -17.09 -14.51 8.39
CA ILE B 327 -16.31 -13.87 9.45
C ILE B 327 -15.33 -12.86 8.86
N ASP B 328 -14.72 -13.21 7.73
CA ASP B 328 -13.75 -12.31 7.11
C ASP B 328 -14.40 -11.00 6.68
N ARG B 329 -15.63 -11.06 6.17
CA ARG B 329 -16.35 -9.84 5.81
C ARG B 329 -16.72 -9.03 7.04
N VAL B 330 -17.14 -9.71 8.10
CA VAL B 330 -17.50 -9.02 9.33
C VAL B 330 -16.27 -8.39 9.98
N ARG B 331 -15.14 -9.09 9.96
CA ARG B 331 -13.93 -8.55 10.53
C ARG B 331 -13.40 -7.36 9.73
N THR B 332 -13.39 -7.49 8.39
CA THR B 332 -12.91 -6.40 7.55
C THR B 332 -13.76 -5.14 7.75
N ARG B 333 -15.08 -5.31 7.88
CA ARG B 333 -15.96 -4.15 8.05
C ARG B 333 -15.73 -3.49 9.41
N ALA B 334 -15.46 -4.28 10.45
CA ALA B 334 -15.20 -3.69 11.76
C ALA B 334 -13.85 -2.99 11.79
N TRP B 335 -12.84 -3.57 11.13
CA TRP B 335 -11.54 -2.91 11.07
C TRP B 335 -11.65 -1.54 10.42
N THR B 336 -12.44 -1.44 9.35
CA THR B 336 -12.67 -0.15 8.71
C THR B 336 -13.38 0.82 9.66
N LYS B 337 -14.29 0.29 10.49
CA LYS B 337 -15.04 1.14 11.42
C LYS B 337 -14.14 1.69 12.53
N VAL B 338 -13.31 0.83 13.13
CA VAL B 338 -12.47 1.31 14.23
C VAL B 338 -11.35 2.18 13.71
N LYS B 339 -10.88 1.93 12.48
CA LYS B 339 -9.76 2.69 11.93
C LYS B 339 -10.08 4.15 11.67
N SER B 340 -11.35 4.57 11.81
CA SER B 340 -11.77 5.93 11.49
C SER B 340 -12.52 6.57 12.63
N GLY B 341 -12.03 6.37 13.86
CA GLY B 341 -12.62 7.01 15.03
C GLY B 341 -14.06 6.62 15.30
#